data_4HYP
#
_entry.id   4HYP
#
_cell.length_a   48.408
_cell.length_b   101.312
_cell.length_c   82.282
_cell.angle_alpha   90.00
_cell.angle_beta   101.60
_cell.angle_gamma   90.00
#
_symmetry.space_group_name_H-M   'P 1 21 1'
#
loop_
_entity.id
_entity.type
_entity.pdbx_description
1 polymer 'DNA gyrase subunit B'
2 non-polymer N-[7-(1H-imidazol-1-yl)-2-(pyridin-3-yl)[1,3]thiazolo[5,4-d]pyrimidin-5-yl]cyclopropanecarboxamide
3 non-polymer 'MAGNESIUM ION'
4 water water
#
_entity_poly.entity_id   1
_entity_poly.type   'polypeptide(L)'
_entity_poly.pdbx_seq_one_letter_code
;MGLDAVRKRPGMYIGDTDDGTGLHHMVFEVVDNAIDEALAGHCKEIIVTIHADNSVSVQDDGRGIPTGIHPEEGVSAAEV
IMTVLHAGGKFDDNSYKVSGGLHGVGVSVVNALSQKLELVIQREGKIHRQIYEHGVPQAPLAVTGETEKTGTMVRFWPSL
ETFTNVTEFEYEILAKRLRELSFLNSGVSIRLRDKRDGKEDHFHYEGLEHHHHHH
;
_entity_poly.pdbx_strand_id   A,B,C,D
#
loop_
_chem_comp.id
_chem_comp.type
_chem_comp.name
_chem_comp.formula
1A1 non-polymer N-[7-(1H-imidazol-1-yl)-2-(pyridin-3-yl)[1,3]thiazolo[5,4-d]pyrimidin-5-yl]cyclopropanecarboxamide 'C17 H13 N7 O S'
MG non-polymer 'MAGNESIUM ION' 'Mg 2'
#
# COMPACT_ATOMS: atom_id res chain seq x y z
N GLY A 2 -7.29 -14.11 26.98
CA GLY A 2 -6.29 -15.18 26.70
C GLY A 2 -5.69 -14.92 25.33
N LEU A 3 -4.62 -15.63 24.99
CA LEU A 3 -4.02 -15.46 23.66
C LEU A 3 -4.98 -15.89 22.55
N ASP A 4 -5.82 -16.90 22.83
CA ASP A 4 -6.93 -17.29 21.94
C ASP A 4 -7.92 -16.15 21.61
N ALA A 5 -8.23 -15.29 22.57
CA ALA A 5 -9.02 -14.12 22.25
C ALA A 5 -8.38 -13.34 21.06
N VAL A 6 -7.05 -13.21 21.02
CA VAL A 6 -6.41 -12.43 19.94
C VAL A 6 -6.26 -13.19 18.62
N ARG A 7 -6.10 -14.51 18.67
CA ARG A 7 -6.08 -15.30 17.42
C ARG A 7 -7.46 -15.30 16.78
N LYS A 8 -8.49 -15.42 17.61
CA LYS A 8 -9.88 -15.27 17.20
C LYS A 8 -10.15 -13.96 16.48
N ARG A 9 -9.74 -12.84 17.07
CA ARG A 9 -10.02 -11.53 16.45
C ARG A 9 -8.77 -10.65 16.30
N PRO A 10 -7.82 -11.08 15.46
CA PRO A 10 -6.49 -10.47 15.35
C PRO A 10 -6.51 -9.00 14.96
N GLY A 11 -7.18 -8.69 13.86
CA GLY A 11 -7.33 -7.31 13.38
C GLY A 11 -7.60 -6.28 14.47
N MET A 12 -8.52 -6.59 15.36
CA MET A 12 -8.89 -5.75 16.48
C MET A 12 -7.72 -5.39 17.42
N TYR A 13 -6.67 -6.23 17.39
CA TYR A 13 -5.53 -6.01 18.26
C TYR A 13 -4.36 -5.41 17.51
N ILE A 14 -4.17 -5.77 16.28
CA ILE A 14 -2.90 -5.44 15.65
C ILE A 14 -3.02 -4.55 14.42
N GLY A 15 -4.26 -4.40 13.95
CA GLY A 15 -4.55 -3.76 12.67
C GLY A 15 -5.14 -4.71 11.65
N ASP A 16 -5.23 -4.25 10.41
CA ASP A 16 -5.83 -5.02 9.33
C ASP A 16 -4.88 -6.10 8.80
N THR A 17 -5.26 -7.36 9.00
CA THR A 17 -4.40 -8.55 8.79
C THR A 17 -4.33 -8.99 7.32
N ASP A 18 -5.10 -8.30 6.48
CA ASP A 18 -5.10 -8.58 5.08
C ASP A 18 -4.21 -7.62 4.30
N ASP A 19 -4.30 -6.32 4.57
CA ASP A 19 -3.67 -5.30 3.71
C ASP A 19 -2.23 -4.90 4.11
N GLY A 20 -1.65 -5.60 5.06
CA GLY A 20 -0.26 -5.34 5.43
C GLY A 20 -0.05 -4.40 6.62
N THR A 21 -1.11 -3.66 6.98
CA THR A 21 -1.12 -2.75 8.12
C THR A 21 -0.78 -3.46 9.44
N GLY A 22 -1.56 -4.50 9.75
CA GLY A 22 -1.35 -5.32 10.94
C GLY A 22 0.00 -5.97 10.92
N LEU A 23 0.41 -6.50 9.78
CA LEU A 23 1.67 -7.28 9.73
C LEU A 23 2.88 -6.39 10.03
N HIS A 24 2.81 -5.14 9.59
CA HIS A 24 3.84 -4.18 9.92
C HIS A 24 3.62 -3.65 11.29
N HIS A 25 2.37 -3.61 11.73
CA HIS A 25 2.17 -3.08 13.08
C HIS A 25 2.80 -3.99 14.12
N MET A 26 2.82 -5.30 13.83
CA MET A 26 3.51 -6.28 14.66
C MET A 26 4.92 -5.86 15.08
N VAL A 27 5.70 -5.28 14.15
CA VAL A 27 7.06 -4.83 14.45
C VAL A 27 7.05 -3.76 15.56
N PHE A 28 6.14 -2.79 15.44
CA PHE A 28 6.07 -1.68 16.38
C PHE A 28 5.46 -2.00 17.76
N GLU A 29 4.85 -3.17 17.91
CA GLU A 29 4.48 -3.65 19.23
C GLU A 29 5.50 -4.63 19.83
N VAL A 30 6.65 -4.77 19.17
CA VAL A 30 7.89 -5.30 19.78
C VAL A 30 8.83 -4.12 20.09
N VAL A 31 9.06 -3.25 19.11
CA VAL A 31 9.93 -2.08 19.28
C VAL A 31 9.45 -1.16 20.41
N ASP A 32 8.12 -1.09 20.58
CA ASP A 32 7.46 -0.21 21.58
C ASP A 32 8.17 -0.33 22.93
N ASN A 33 8.37 -1.57 23.37
CA ASN A 33 9.03 -1.90 24.64
C ASN A 33 10.52 -1.57 24.64
N ALA A 34 11.18 -1.69 23.50
CA ALA A 34 12.58 -1.35 23.43
C ALA A 34 12.74 0.16 23.62
N ILE A 35 11.92 0.94 22.89
CA ILE A 35 11.93 2.41 23.00
C ILE A 35 11.65 2.81 24.46
N ASP A 36 10.76 2.07 25.12
CA ASP A 36 10.51 2.30 26.54
C ASP A 36 11.69 1.92 27.42
N GLU A 37 12.39 0.85 27.08
CA GLU A 37 13.58 0.51 27.84
C GLU A 37 14.62 1.60 27.68
N ALA A 38 14.67 2.19 26.47
CA ALA A 38 15.62 3.26 26.14
C ALA A 38 15.25 4.49 26.95
N LEU A 39 13.96 4.78 26.95
CA LEU A 39 13.39 5.93 27.64
C LEU A 39 13.55 5.86 29.13
N ALA A 40 13.54 4.65 29.69
CA ALA A 40 13.83 4.51 31.11
C ALA A 40 15.34 4.65 31.42
N GLY A 41 16.13 4.97 30.40
CA GLY A 41 17.55 5.23 30.56
C GLY A 41 18.49 4.04 30.37
N HIS A 42 17.96 2.84 30.19
CA HIS A 42 18.80 1.63 30.19
C HIS A 42 19.20 1.20 28.83
N CYS A 43 18.29 1.32 27.88
CA CYS A 43 18.60 0.92 26.51
C CYS A 43 19.22 2.08 25.73
N LYS A 44 20.39 1.83 25.16
CA LYS A 44 21.08 2.79 24.30
C LYS A 44 20.77 2.62 22.79
N GLU A 45 20.72 1.38 22.32
CA GLU A 45 20.49 1.10 20.91
C GLU A 45 19.46 -0.01 20.65
N ILE A 46 18.80 0.10 19.50
CA ILE A 46 17.82 -0.88 19.04
C ILE A 46 18.13 -1.23 17.58
N ILE A 47 18.42 -2.51 17.34
CA ILE A 47 18.64 -3.07 15.99
C ILE A 47 17.38 -3.84 15.52
N VAL A 48 16.65 -3.29 14.56
CA VAL A 48 15.51 -4.01 13.96
C VAL A 48 16.05 -4.68 12.70
N THR A 49 15.75 -5.97 12.52
CA THR A 49 16.32 -6.75 11.40
C THR A 49 15.21 -7.51 10.65
N ILE A 50 15.23 -7.45 9.31
CA ILE A 50 14.35 -8.27 8.47
C ILE A 50 15.14 -9.48 7.94
N HIS A 51 14.72 -10.67 8.32
CA HIS A 51 15.48 -11.87 7.98
C HIS A 51 15.03 -12.51 6.68
N ALA A 52 15.95 -13.19 6.00
CA ALA A 52 15.65 -13.78 4.67
C ALA A 52 14.35 -14.60 4.66
N ASP A 53 13.97 -15.11 5.83
CA ASP A 53 12.77 -15.92 5.97
C ASP A 53 11.55 -15.11 6.37
N ASN A 54 11.58 -13.79 6.10
CA ASN A 54 10.51 -12.85 6.50
C ASN A 54 10.08 -12.86 8.00
N SER A 55 11.00 -13.25 8.89
CA SER A 55 10.86 -12.91 10.29
C SER A 55 11.47 -11.53 10.51
N VAL A 56 11.11 -10.89 11.62
CA VAL A 56 11.73 -9.64 12.09
C VAL A 56 12.23 -9.81 13.53
N SER A 57 13.50 -9.56 13.74
CA SER A 57 14.05 -9.50 15.09
C SER A 57 14.28 -8.05 15.48
N VAL A 58 14.15 -7.78 16.78
CA VAL A 58 14.44 -6.51 17.46
C VAL A 58 15.33 -6.86 18.63
N GLN A 59 16.50 -6.24 18.66
CA GLN A 59 17.48 -6.42 19.72
C GLN A 59 17.71 -5.09 20.44
N ASP A 60 17.57 -5.06 21.78
CA ASP A 60 17.91 -3.84 22.53
C ASP A 60 19.09 -4.09 23.43
N ASP A 61 19.58 -3.06 24.09
CA ASP A 61 20.70 -3.26 25.03
C ASP A 61 20.37 -2.72 26.41
N GLY A 62 19.14 -2.93 26.84
CA GLY A 62 18.73 -2.52 28.18
C GLY A 62 19.10 -3.50 29.28
N ARG A 63 18.19 -3.67 30.23
CA ARG A 63 18.41 -4.52 31.40
C ARG A 63 18.11 -5.98 31.10
N GLY A 64 17.30 -6.23 30.08
CA GLY A 64 16.86 -7.58 29.82
C GLY A 64 15.66 -7.88 30.68
N ILE A 65 14.54 -8.17 30.03
CA ILE A 65 13.33 -8.64 30.69
C ILE A 65 13.66 -9.58 31.86
N PRO A 66 12.98 -9.41 33.01
CA PRO A 66 13.23 -10.26 34.17
C PRO A 66 13.07 -11.77 33.88
N THR A 67 13.93 -12.57 34.51
CA THR A 67 14.02 -13.99 34.21
C THR A 67 13.51 -14.81 35.36
N GLY A 68 13.36 -14.18 36.52
CA GLY A 68 12.93 -14.82 37.75
C GLY A 68 11.49 -15.31 37.75
N ILE A 69 11.13 -16.11 38.74
CA ILE A 69 9.81 -16.70 38.79
C ILE A 69 9.19 -16.50 40.14
N VAL A 75 6.28 -20.09 36.85
CA VAL A 75 6.72 -19.66 35.50
C VAL A 75 7.46 -18.32 35.54
N SER A 76 8.49 -18.14 34.71
CA SER A 76 9.33 -16.92 34.69
C SER A 76 8.60 -15.62 34.33
N ALA A 77 9.16 -14.49 34.76
CA ALA A 77 8.60 -13.14 34.44
C ALA A 77 8.41 -12.96 32.95
N ALA A 78 9.49 -13.20 32.20
CA ALA A 78 9.52 -13.15 30.75
C ALA A 78 8.32 -13.85 30.14
N GLU A 79 8.11 -15.08 30.58
CA GLU A 79 7.04 -15.89 30.01
C GLU A 79 5.69 -15.23 30.29
N VAL A 80 5.49 -14.82 31.54
CA VAL A 80 4.28 -14.07 31.92
C VAL A 80 3.99 -13.00 30.87
N ILE A 81 4.97 -12.10 30.66
CA ILE A 81 4.89 -10.98 29.68
C ILE A 81 4.48 -11.44 28.29
N MET A 82 5.19 -12.46 27.80
CA MET A 82 4.90 -13.09 26.52
C MET A 82 3.54 -13.77 26.40
N THR A 83 3.04 -14.31 27.50
CA THR A 83 1.88 -15.19 27.41
C THR A 83 0.61 -14.67 28.07
N VAL A 84 0.70 -13.54 28.76
CA VAL A 84 -0.49 -12.93 29.34
C VAL A 84 -0.74 -11.57 28.73
N LEU A 85 -1.97 -11.37 28.20
CA LEU A 85 -2.41 -10.08 27.65
C LEU A 85 -2.16 -8.85 28.54
N HIS A 86 -2.50 -8.97 29.81
CA HIS A 86 -2.38 -7.81 30.69
C HIS A 86 -1.02 -7.61 31.30
N ALA A 87 -0.09 -8.53 31.07
CA ALA A 87 1.16 -8.60 31.82
C ALA A 87 1.99 -7.34 31.77
N GLY A 88 2.02 -6.75 30.58
CA GLY A 88 2.84 -5.56 30.27
C GLY A 88 2.70 -4.35 31.18
N GLY A 89 1.53 -4.20 31.79
CA GLY A 89 1.25 -3.07 32.69
C GLY A 89 2.03 -3.04 34.01
N LYS A 90 2.74 -4.13 34.27
CA LYS A 90 3.48 -4.24 35.52
C LYS A 90 4.94 -3.94 35.30
N PHE A 91 5.26 -3.21 34.24
CA PHE A 91 6.66 -2.84 33.94
C PHE A 91 6.86 -1.46 33.30
N LYS A 97 4.72 8.29 29.50
CA LYS A 97 3.84 8.92 28.53
C LYS A 97 4.68 9.29 27.30
N VAL A 98 4.98 8.32 26.44
CA VAL A 98 5.74 8.62 25.24
C VAL A 98 5.38 7.98 23.86
N SER A 99 5.68 6.68 23.61
CA SER A 99 5.77 6.16 22.18
C SER A 99 5.97 4.66 21.77
N GLY A 100 6.04 4.47 20.44
CA GLY A 100 5.92 3.18 19.74
C GLY A 100 4.53 2.65 19.29
N GLY A 101 3.83 2.02 20.22
CA GLY A 101 2.68 1.20 19.87
C GLY A 101 1.37 1.71 20.39
N LEU A 102 0.37 0.86 20.27
CA LEU A 102 -0.99 1.18 20.63
C LEU A 102 -1.17 0.88 22.12
N HIS A 103 -1.82 1.82 22.82
CA HIS A 103 -2.00 1.75 24.26
C HIS A 103 -2.70 0.50 24.64
N GLY A 104 -2.05 -0.25 25.52
CA GLY A 104 -2.60 -1.46 26.09
C GLY A 104 -2.32 -2.75 25.34
N VAL A 105 -1.55 -2.63 24.25
CA VAL A 105 -1.08 -3.81 23.50
C VAL A 105 0.42 -4.08 23.80
N GLY A 106 0.68 -5.24 24.41
CA GLY A 106 2.07 -5.68 24.68
C GLY A 106 2.57 -6.72 23.67
N VAL A 107 3.76 -7.25 23.90
CA VAL A 107 4.35 -8.27 23.02
C VAL A 107 3.55 -9.55 23.00
N SER A 108 2.66 -9.75 23.98
CA SER A 108 1.86 -10.99 24.01
C SER A 108 0.93 -11.13 22.80
N VAL A 109 0.40 -10.01 22.30
CA VAL A 109 -0.38 -10.01 21.09
C VAL A 109 0.51 -10.43 19.92
N VAL A 110 1.75 -9.97 19.93
CA VAL A 110 2.66 -10.36 18.88
C VAL A 110 2.95 -11.86 18.96
N ASN A 111 3.12 -12.35 20.18
CA ASN A 111 3.46 -13.73 20.31
C ASN A 111 2.31 -14.68 19.86
N ALA A 112 1.09 -14.31 20.24
CA ALA A 112 -0.13 -15.07 19.94
C ALA A 112 -0.44 -15.13 18.44
N LEU A 113 0.06 -14.12 17.73
CA LEU A 113 -0.13 -13.99 16.29
C LEU A 113 1.12 -14.41 15.49
N SER A 114 2.12 -14.98 16.18
CA SER A 114 3.34 -15.47 15.52
C SER A 114 3.40 -16.99 15.53
N GLN A 115 3.78 -17.61 14.41
CA GLN A 115 3.82 -19.08 14.36
C GLN A 115 5.02 -19.55 15.12
N LYS A 116 6.02 -18.68 15.14
CA LYS A 116 7.16 -18.85 16.01
C LYS A 116 7.54 -17.49 16.59
N LEU A 117 7.95 -17.50 17.86
CA LEU A 117 8.66 -16.36 18.47
C LEU A 117 9.81 -16.90 19.34
N GLU A 118 11.00 -16.36 19.10
CA GLU A 118 12.18 -16.73 19.86
C GLU A 118 12.57 -15.55 20.68
N LEU A 119 12.77 -15.82 21.97
CA LEU A 119 13.13 -14.82 22.96
C LEU A 119 14.51 -15.16 23.55
N VAL A 120 15.42 -14.20 23.47
CA VAL A 120 16.74 -14.35 24.03
C VAL A 120 17.01 -13.11 24.90
N ILE A 121 17.17 -13.35 26.20
CA ILE A 121 17.51 -12.32 27.20
C ILE A 121 18.94 -12.43 27.73
N GLN A 122 19.67 -11.32 27.69
CA GLN A 122 21.01 -11.28 28.28
C GLN A 122 20.95 -10.44 29.55
N ARG A 123 21.12 -11.09 30.69
CA ARG A 123 20.86 -10.46 31.96
C ARG A 123 21.73 -11.14 32.97
N GLU A 124 22.51 -10.36 33.71
CA GLU A 124 23.15 -10.87 34.93
C GLU A 124 24.12 -12.05 34.68
N GLY A 125 24.91 -11.94 33.61
CA GLY A 125 25.99 -12.89 33.33
C GLY A 125 25.55 -14.11 32.54
N LYS A 126 24.28 -14.13 32.12
CA LYS A 126 23.71 -15.33 31.50
C LYS A 126 22.83 -15.07 30.29
N ILE A 127 22.95 -15.95 29.30
CA ILE A 127 22.04 -15.93 28.16
C ILE A 127 20.85 -16.83 28.46
N HIS A 128 19.63 -16.36 28.14
CA HIS A 128 18.43 -17.18 28.24
C HIS A 128 17.74 -17.25 26.91
N ARG A 129 17.27 -18.43 26.55
CA ARG A 129 16.54 -18.60 25.29
C ARG A 129 15.21 -19.34 25.56
N GLN A 130 14.22 -19.02 24.74
CA GLN A 130 12.91 -19.69 24.79
C GLN A 130 12.22 -19.50 23.47
N ILE A 131 11.47 -20.51 23.04
CA ILE A 131 10.78 -20.47 21.77
C ILE A 131 9.30 -20.67 22.05
N TYR A 132 8.43 -19.99 21.29
CA TYR A 132 6.99 -20.25 21.33
C TYR A 132 6.46 -20.64 19.95
N GLU A 133 5.47 -21.51 19.92
CA GLU A 133 4.70 -21.72 18.71
C GLU A 133 3.32 -21.21 19.01
N HIS A 134 2.82 -20.29 18.17
CA HIS A 134 1.47 -19.69 18.30
C HIS A 134 1.11 -19.23 19.67
N GLY A 135 2.10 -18.70 20.37
CA GLY A 135 1.91 -18.21 21.71
C GLY A 135 2.37 -19.19 22.76
N VAL A 136 2.47 -20.45 22.37
CA VAL A 136 2.72 -21.52 23.35
C VAL A 136 4.24 -21.77 23.55
N PRO A 137 4.73 -21.63 24.81
CA PRO A 137 6.15 -21.87 25.09
C PRO A 137 6.48 -23.35 24.83
N GLN A 138 7.65 -23.60 24.25
CA GLN A 138 8.08 -24.94 23.85
C GLN A 138 8.81 -25.60 25.00
N ALA A 139 9.31 -24.80 25.89
CA ALA A 139 10.01 -25.28 27.05
C ALA A 139 10.02 -24.08 27.98
N PRO A 140 10.37 -24.30 29.26
CA PRO A 140 10.56 -23.11 30.10
C PRO A 140 11.79 -22.33 29.65
N LEU A 141 11.75 -21.01 29.77
CA LEU A 141 12.97 -20.19 29.63
C LEU A 141 14.12 -20.91 30.38
N ALA A 142 15.32 -20.90 29.80
CA ALA A 142 16.46 -21.73 30.21
C ALA A 142 17.76 -20.99 29.97
N VAL A 143 18.81 -21.29 30.73
CA VAL A 143 20.10 -20.63 30.55
C VAL A 143 20.89 -21.37 29.49
N THR A 144 21.52 -20.63 28.58
CA THR A 144 22.24 -21.22 27.43
C THR A 144 23.64 -20.63 27.21
N GLY A 145 24.25 -20.15 28.29
CA GLY A 145 25.64 -19.74 28.26
C GLY A 145 25.84 -18.51 29.10
N GLU A 146 27.07 -18.01 29.09
CA GLU A 146 27.40 -16.77 29.79
C GLU A 146 27.67 -15.64 28.78
N THR A 147 27.55 -14.41 29.26
CA THR A 147 27.70 -13.21 28.45
C THR A 147 27.94 -12.05 29.41
N GLU A 148 28.61 -11.01 28.94
CA GLU A 148 28.70 -9.82 29.77
C GLU A 148 27.75 -8.75 29.32
N LYS A 149 27.23 -8.87 28.11
CA LYS A 149 26.27 -7.87 27.60
C LYS A 149 24.92 -7.96 28.34
N THR A 150 24.14 -6.89 28.31
CA THR A 150 22.73 -7.05 28.67
C THR A 150 21.86 -6.63 27.55
N GLY A 151 20.67 -7.24 27.50
CA GLY A 151 19.62 -6.82 26.55
C GLY A 151 18.54 -7.88 26.33
N THR A 152 17.54 -7.50 25.53
CA THR A 152 16.43 -8.36 25.20
C THR A 152 16.38 -8.49 23.68
N MET A 153 16.01 -9.68 23.19
CA MET A 153 15.88 -9.94 21.76
C MET A 153 14.59 -10.73 21.44
N VAL A 154 13.73 -10.17 20.62
CA VAL A 154 12.56 -10.88 20.13
C VAL A 154 12.66 -11.13 18.63
N ARG A 155 12.53 -12.39 18.25
CA ARG A 155 12.44 -12.71 16.83
C ARG A 155 11.11 -13.43 16.57
N PHE A 156 10.28 -12.84 15.72
CA PHE A 156 8.96 -13.37 15.48
C PHE A 156 8.68 -13.58 14.02
N TRP A 157 8.10 -14.74 13.74
CA TRP A 157 7.73 -15.13 12.39
C TRP A 157 6.22 -15.01 12.35
N PRO A 158 5.69 -14.10 11.52
CA PRO A 158 4.25 -13.89 11.49
C PRO A 158 3.44 -15.13 11.10
N SER A 159 2.27 -15.30 11.68
CA SER A 159 1.48 -16.46 11.32
C SER A 159 0.85 -16.25 9.96
N LEU A 160 1.02 -17.25 9.09
CA LEU A 160 0.40 -17.20 7.80
C LEU A 160 -1.05 -17.67 7.90
N GLU A 161 -1.44 -18.15 9.08
CA GLU A 161 -2.85 -18.38 9.38
C GLU A 161 -3.63 -17.08 9.71
N THR A 162 -2.90 -16.04 10.11
CA THR A 162 -3.49 -14.75 10.47
C THR A 162 -3.32 -13.73 9.35
N PHE A 163 -2.08 -13.52 8.90
CA PHE A 163 -1.81 -12.50 7.88
C PHE A 163 -1.80 -13.09 6.47
N THR A 164 -2.63 -12.52 5.58
CA THR A 164 -2.99 -13.19 4.32
C THR A 164 -2.38 -12.71 3.01
N ASN A 165 -2.69 -11.49 2.58
CA ASN A 165 -2.27 -11.11 1.23
C ASN A 165 -0.81 -10.62 1.21
N VAL A 166 -0.61 -9.40 1.73
CA VAL A 166 0.70 -8.87 2.10
C VAL A 166 1.29 -9.65 3.28
N THR A 167 2.30 -10.48 2.98
CA THR A 167 2.88 -11.39 3.95
C THR A 167 4.37 -11.14 4.15
N GLU A 168 4.92 -10.17 3.41
CA GLU A 168 6.35 -9.88 3.44
C GLU A 168 6.59 -8.45 3.93
N PHE A 169 7.60 -8.28 4.76
CA PHE A 169 7.91 -6.99 5.36
C PHE A 169 8.57 -6.09 4.34
N GLU A 170 8.06 -4.87 4.26
CA GLU A 170 8.47 -3.95 3.24
C GLU A 170 9.38 -2.94 3.90
N TYR A 171 10.66 -2.99 3.53
CA TYR A 171 11.69 -2.17 4.14
C TYR A 171 11.29 -0.70 4.37
N GLU A 172 10.63 -0.08 3.38
CA GLU A 172 10.30 1.36 3.40
C GLU A 172 9.28 1.72 4.43
N ILE A 173 8.26 0.89 4.58
CA ILE A 173 7.23 1.13 5.58
C ILE A 173 7.89 1.18 6.95
N LEU A 174 8.77 0.19 7.20
CA LEU A 174 9.54 0.09 8.45
C LEU A 174 10.48 1.26 8.64
N ALA A 175 11.30 1.54 7.64
CA ALA A 175 12.29 2.62 7.69
C ALA A 175 11.70 3.94 8.16
N LYS A 176 10.62 4.32 7.49
CA LYS A 176 9.96 5.62 7.67
C LYS A 176 9.41 5.77 9.10
N ARG A 177 8.71 4.75 9.59
CA ARG A 177 8.21 4.73 10.97
C ARG A 177 9.29 4.61 12.06
N LEU A 178 10.36 3.87 11.79
CA LEU A 178 11.47 3.81 12.72
C LEU A 178 12.16 5.16 12.79
N ARG A 179 12.38 5.80 11.64
CA ARG A 179 12.96 7.14 11.65
C ARG A 179 12.12 8.11 12.47
N GLU A 180 10.80 8.00 12.33
CA GLU A 180 9.86 8.90 13.02
C GLU A 180 9.94 8.70 14.51
N LEU A 181 9.93 7.43 14.91
CA LEU A 181 10.06 7.06 16.31
C LEU A 181 11.35 7.61 16.92
N SER A 182 12.48 7.41 16.25
CA SER A 182 13.76 7.92 16.75
C SER A 182 13.80 9.46 16.82
N PHE A 183 13.08 10.11 15.90
CA PHE A 183 12.94 11.55 15.95
C PHE A 183 12.07 12.02 17.12
N LEU A 184 10.99 11.30 17.41
CA LEU A 184 10.13 11.64 18.55
C LEU A 184 10.85 11.45 19.88
N ASN A 185 11.89 10.62 19.88
CA ASN A 185 12.60 10.17 21.08
C ASN A 185 14.10 10.41 20.91
N SER A 186 14.45 11.70 20.83
CA SER A 186 15.83 12.20 20.71
C SER A 186 16.81 11.41 21.50
N GLY A 187 17.79 10.83 20.83
CA GLY A 187 18.86 10.10 21.51
C GLY A 187 18.73 8.60 21.42
N VAL A 188 17.52 8.11 21.24
CA VAL A 188 17.30 6.71 20.95
C VAL A 188 17.90 6.39 19.58
N SER A 189 18.90 5.51 19.56
CA SER A 189 19.55 5.06 18.33
C SER A 189 18.83 3.83 17.74
N ILE A 190 18.10 4.04 16.65
CA ILE A 190 17.47 2.91 16.00
C ILE A 190 18.18 2.56 14.68
N ARG A 191 18.57 1.27 14.54
CA ARG A 191 19.12 0.75 13.29
C ARG A 191 18.17 -0.26 12.64
N LEU A 192 17.91 -0.07 11.36
CA LEU A 192 17.26 -1.06 10.53
C LEU A 192 18.29 -1.81 9.65
N ARG A 193 18.16 -3.13 9.58
CA ARG A 193 18.99 -3.97 8.70
C ARG A 193 18.04 -4.85 7.92
N ASP A 194 18.34 -5.06 6.64
CA ASP A 194 17.59 -6.00 5.79
C ASP A 194 18.61 -7.02 5.30
N LYS A 195 18.49 -8.25 5.75
CA LYS A 195 19.43 -9.32 5.39
C LYS A 195 19.18 -9.92 4.01
N ARG A 196 18.00 -9.64 3.47
CA ARG A 196 17.60 -10.09 2.15
C ARG A 196 18.44 -9.39 1.11
N ASP A 197 18.83 -8.13 1.37
CA ASP A 197 19.59 -7.35 0.40
C ASP A 197 20.80 -6.54 0.92
N GLY A 198 21.05 -6.57 2.22
CA GLY A 198 22.20 -5.87 2.79
C GLY A 198 21.88 -4.45 3.25
N LYS A 199 20.69 -3.96 2.89
CA LYS A 199 20.33 -2.57 3.15
C LYS A 199 20.20 -2.24 4.63
N GLU A 200 20.71 -1.07 5.02
CA GLU A 200 20.85 -0.68 6.42
C GLU A 200 20.62 0.80 6.56
N ASP A 201 20.06 1.21 7.70
CA ASP A 201 19.95 2.60 8.05
C ASP A 201 20.15 2.83 9.53
N HIS A 202 20.61 4.02 9.89
CA HIS A 202 20.78 4.40 11.29
C HIS A 202 20.01 5.67 11.53
N PHE A 203 19.18 5.65 12.57
CA PHE A 203 18.29 6.73 12.89
C PHE A 203 18.67 7.22 14.29
N HIS A 204 19.17 8.44 14.41
CA HIS A 204 19.72 8.91 15.69
C HIS A 204 19.78 10.40 15.77
N TYR A 205 18.78 11.02 16.39
CA TYR A 205 18.75 12.48 16.51
C TYR A 205 19.20 12.95 17.90
N GLY B 2 6.18 21.52 21.17
CA GLY B 2 4.80 22.08 21.35
C GLY B 2 3.88 21.70 20.21
N LEU B 3 2.69 22.30 20.19
CA LEU B 3 1.70 22.02 19.15
C LEU B 3 2.20 22.32 17.72
N ASP B 4 3.17 23.23 17.58
CA ASP B 4 3.83 23.50 16.28
C ASP B 4 4.61 22.28 15.75
N ALA B 5 5.16 21.50 16.68
CA ALA B 5 5.83 20.26 16.31
C ALA B 5 4.79 19.37 15.68
N VAL B 6 3.66 19.18 16.36
CA VAL B 6 2.68 18.23 15.83
C VAL B 6 2.08 18.73 14.54
N ARG B 7 1.87 20.04 14.47
CA ARG B 7 1.40 20.67 13.26
C ARG B 7 2.42 20.54 12.11
N LYS B 8 3.72 20.59 12.43
CA LYS B 8 4.74 20.52 11.37
C LYS B 8 4.79 19.14 10.77
N ARG B 9 4.80 18.11 11.62
CA ARG B 9 4.85 16.73 11.15
C ARG B 9 3.67 15.90 11.67
N PRO B 10 2.47 16.16 11.13
CA PRO B 10 1.28 15.57 11.74
C PRO B 10 1.21 14.05 11.66
N GLY B 11 1.62 13.49 10.52
CA GLY B 11 1.45 12.08 10.21
C GLY B 11 2.19 11.25 11.22
N MET B 12 3.22 11.85 11.80
CA MET B 12 4.08 11.19 12.75
C MET B 12 3.34 10.92 14.02
N TYR B 13 2.46 11.85 14.38
CA TYR B 13 1.61 11.73 15.56
C TYR B 13 0.30 10.94 15.34
N ILE B 14 -0.33 11.14 14.20
CA ILE B 14 -1.70 10.72 14.07
C ILE B 14 -1.91 9.70 12.97
N GLY B 15 -0.94 9.51 12.07
CA GLY B 15 -1.14 8.67 10.86
C GLY B 15 -1.22 9.51 9.61
N ASP B 16 -1.10 8.86 8.45
CA ASP B 16 -0.88 9.56 7.19
C ASP B 16 -2.05 10.48 6.92
N THR B 17 -1.74 11.74 6.58
CA THR B 17 -2.77 12.78 6.49
C THR B 17 -3.37 13.00 5.09
N ASP B 18 -2.99 12.16 4.13
CA ASP B 18 -3.44 12.36 2.76
C ASP B 18 -4.38 11.27 2.29
N ASP B 19 -4.63 10.27 3.12
CA ASP B 19 -5.38 9.09 2.69
C ASP B 19 -6.53 8.64 3.61
N GLY B 20 -6.67 9.31 4.75
CA GLY B 20 -7.85 9.12 5.59
C GLY B 20 -7.49 8.41 6.87
N THR B 21 -6.26 7.95 6.95
CA THR B 21 -5.81 7.20 8.10
C THR B 21 -5.88 8.08 9.36
N GLY B 22 -4.95 9.05 9.40
CA GLY B 22 -4.88 10.07 10.41
C GLY B 22 -6.20 10.79 10.55
N LEU B 23 -6.86 11.12 9.44
CA LEU B 23 -8.11 11.83 9.63
C LEU B 23 -9.11 11.03 10.46
N HIS B 24 -9.11 9.71 10.29
CA HIS B 24 -10.09 8.87 11.02
C HIS B 24 -9.60 8.53 12.38
N HIS B 25 -8.29 8.34 12.50
CA HIS B 25 -7.69 8.06 13.79
C HIS B 25 -7.85 9.24 14.75
N MET B 26 -8.02 10.42 14.19
CA MET B 26 -8.24 11.63 14.95
C MET B 26 -9.43 11.45 15.85
N VAL B 27 -10.42 10.69 15.37
CA VAL B 27 -11.62 10.42 16.17
C VAL B 27 -11.23 9.59 17.37
N PHE B 28 -10.25 8.71 17.19
CA PHE B 28 -9.87 7.80 18.24
C PHE B 28 -9.02 8.36 19.36
N GLU B 29 -8.31 9.45 19.07
CA GLU B 29 -7.46 10.11 20.06
C GLU B 29 -8.27 11.16 20.78
N VAL B 30 -9.58 11.02 20.72
CA VAL B 30 -10.48 11.81 21.56
C VAL B 30 -11.28 10.76 22.32
N VAL B 31 -11.92 9.85 21.57
CA VAL B 31 -12.70 8.77 22.15
C VAL B 31 -11.93 7.97 23.24
N ASP B 32 -10.66 7.69 22.99
CA ASP B 32 -9.87 6.95 23.95
C ASP B 32 -10.00 7.49 25.40
N ASN B 33 -9.93 8.80 25.62
CA ASN B 33 -10.09 9.34 26.99
C ASN B 33 -11.47 9.19 27.57
N ALA B 34 -12.49 9.11 26.72
CA ALA B 34 -13.82 8.78 27.22
C ALA B 34 -13.84 7.30 27.64
N ILE B 35 -13.23 6.43 26.85
CA ILE B 35 -13.19 5.03 27.20
C ILE B 35 -12.44 4.82 28.51
N ASP B 36 -11.27 5.44 28.66
CA ASP B 36 -10.54 5.39 29.95
C ASP B 36 -11.42 5.83 31.09
N GLU B 37 -12.12 6.93 30.90
CA GLU B 37 -13.01 7.48 31.92
C GLU B 37 -14.17 6.52 32.13
N ALA B 38 -14.51 5.73 31.11
CA ALA B 38 -15.52 4.71 31.28
C ALA B 38 -14.98 3.58 32.16
N LEU B 39 -13.70 3.27 32.00
CA LEU B 39 -13.14 2.08 32.65
C LEU B 39 -12.74 2.35 34.08
N ALA B 40 -12.67 3.63 34.44
CA ALA B 40 -12.37 4.01 35.81
C ALA B 40 -13.68 4.02 36.63
N GLY B 41 -14.77 3.62 35.97
CA GLY B 41 -16.07 3.43 36.59
C GLY B 41 -16.97 4.64 36.60
N HIS B 42 -16.51 5.75 36.02
CA HIS B 42 -17.17 7.05 36.15
C HIS B 42 -18.05 7.35 35.03
N CYS B 43 -17.80 6.68 33.91
CA CYS B 43 -18.54 6.93 32.69
C CYS B 43 -19.33 5.69 32.21
N LYS B 44 -20.65 5.90 32.10
CA LYS B 44 -21.60 4.91 31.64
C LYS B 44 -21.65 4.85 30.11
N GLU B 45 -21.78 6.02 29.48
CA GLU B 45 -22.21 6.14 28.08
C GLU B 45 -21.32 7.05 27.25
N ILE B 46 -20.87 6.58 26.08
CA ILE B 46 -20.17 7.46 25.13
C ILE B 46 -20.96 7.67 23.81
N ILE B 47 -21.17 8.92 23.41
CA ILE B 47 -21.84 9.20 22.15
C ILE B 47 -20.85 9.89 21.18
N VAL B 48 -20.54 9.21 20.06
CA VAL B 48 -19.79 9.80 18.93
C VAL B 48 -20.76 10.26 17.81
N THR B 49 -20.71 11.55 17.48
CA THR B 49 -21.56 12.07 16.42
C THR B 49 -20.72 12.55 15.26
N ILE B 50 -21.15 12.24 14.04
CA ILE B 50 -20.59 12.80 12.83
C ILE B 50 -21.55 13.87 12.37
N HIS B 51 -21.06 15.11 12.41
CA HIS B 51 -21.89 16.23 12.07
C HIS B 51 -21.80 16.49 10.61
N ALA B 52 -22.60 17.43 10.13
CA ALA B 52 -22.76 17.59 8.68
C ALA B 52 -21.73 18.52 8.13
N ASP B 53 -21.13 19.34 8.99
CA ASP B 53 -20.04 20.20 8.59
C ASP B 53 -18.70 19.42 8.62
N ASN B 54 -18.79 18.11 8.81
CA ASN B 54 -17.65 17.19 9.02
C ASN B 54 -16.74 17.41 10.20
N SER B 55 -17.32 17.87 11.30
CA SER B 55 -16.73 17.75 12.60
C SER B 55 -17.28 16.47 13.23
N VAL B 56 -16.63 16.07 14.32
CA VAL B 56 -17.03 14.89 15.11
C VAL B 56 -17.10 15.27 16.59
N SER B 57 -18.23 14.97 17.22
CA SER B 57 -18.32 15.21 18.62
C SER B 57 -18.20 13.90 19.35
N VAL B 58 -17.53 13.97 20.49
CA VAL B 58 -17.49 12.89 21.46
C VAL B 58 -18.00 13.49 22.78
N GLN B 59 -19.07 12.87 23.29
CA GLN B 59 -19.74 13.26 24.51
C GLN B 59 -19.72 12.06 25.47
N ASP B 60 -19.19 12.25 26.68
CA ASP B 60 -19.26 11.22 27.70
C ASP B 60 -20.02 11.75 28.91
N ASP B 61 -20.47 10.87 29.80
CA ASP B 61 -21.13 11.28 31.05
C ASP B 61 -20.24 10.94 32.26
N GLY B 62 -18.93 11.10 32.07
CA GLY B 62 -17.97 10.90 33.14
C GLY B 62 -17.99 12.06 34.10
N ARG B 63 -16.87 12.29 34.76
CA ARG B 63 -16.77 13.33 35.76
C ARG B 63 -16.60 14.70 35.15
N GLY B 64 -16.10 14.77 33.92
CA GLY B 64 -15.69 16.05 33.32
C GLY B 64 -14.24 16.35 33.62
N ILE B 65 -13.48 16.78 32.62
CA ILE B 65 -12.05 17.15 32.77
C ILE B 65 -11.96 18.31 33.76
N PRO B 66 -11.02 18.24 34.71
CA PRO B 66 -10.87 19.30 35.72
C PRO B 66 -10.96 20.69 35.14
N THR B 67 -11.73 21.59 35.77
CA THR B 67 -11.89 22.95 35.28
C THR B 67 -11.10 24.02 36.02
N GLY B 68 -10.47 23.67 37.14
CA GLY B 68 -9.66 24.62 37.92
C GLY B 68 -8.19 24.82 37.53
N ILE B 69 -7.42 25.44 38.44
CA ILE B 69 -6.06 26.04 38.23
C ILE B 69 -6.08 27.15 37.19
N VAL B 75 -3.83 29.26 34.22
CA VAL B 75 -4.64 28.57 33.19
C VAL B 75 -5.34 27.28 33.62
N SER B 76 -6.56 27.08 33.13
CA SER B 76 -7.43 25.94 33.52
C SER B 76 -6.82 24.61 33.22
N ALA B 77 -7.07 23.61 34.08
CA ALA B 77 -6.50 22.26 33.88
C ALA B 77 -6.96 21.69 32.54
N ALA B 78 -8.23 21.92 32.20
CA ALA B 78 -8.76 21.57 30.88
C ALA B 78 -7.88 22.15 29.78
N GLU B 79 -7.60 23.45 29.83
CA GLU B 79 -6.71 24.07 28.84
C GLU B 79 -5.37 23.35 28.77
N VAL B 80 -4.86 22.87 29.90
CA VAL B 80 -3.57 22.22 29.88
C VAL B 80 -3.67 20.93 29.10
N ILE B 81 -4.67 20.10 29.37
CA ILE B 81 -4.91 18.87 28.58
C ILE B 81 -4.85 19.12 27.07
N MET B 82 -5.44 20.22 26.64
CA MET B 82 -5.64 20.53 25.24
C MET B 82 -4.43 21.18 24.55
N THR B 83 -3.51 21.76 25.33
CA THR B 83 -2.46 22.61 24.72
C THR B 83 -1.02 22.15 24.94
N VAL B 84 -0.85 21.11 25.75
CA VAL B 84 0.45 20.52 26.10
C VAL B 84 0.53 19.07 25.60
N LEU B 85 1.60 18.77 24.88
CA LEU B 85 1.85 17.43 24.34
C LEU B 85 1.80 16.32 25.36
N HIS B 86 2.43 16.54 26.51
CA HIS B 86 2.66 15.48 27.50
C HIS B 86 1.70 15.52 28.67
N ALA B 87 0.67 16.35 28.59
CA ALA B 87 -0.19 16.62 29.76
C ALA B 87 -1.16 15.49 30.07
N GLY B 88 -1.53 14.74 29.03
CA GLY B 88 -2.38 13.56 29.20
C GLY B 88 -1.87 12.59 30.25
N GLY B 89 -0.57 12.66 30.55
CA GLY B 89 0.08 11.71 31.46
C GLY B 89 0.08 12.02 32.95
N LYS B 90 -0.34 13.22 33.33
CA LYS B 90 -0.57 13.52 34.75
C LYS B 90 -1.87 12.84 35.21
N PHE B 91 -2.61 12.22 34.30
CA PHE B 91 -3.88 11.57 34.61
C PHE B 91 -3.92 10.08 34.23
N LYS B 97 -4.29 0.45 31.72
CA LYS B 97 -3.64 -0.42 30.72
C LYS B 97 -4.65 -1.23 29.88
N VAL B 98 -5.18 -0.60 28.80
CA VAL B 98 -6.36 -1.04 28.00
C VAL B 98 -6.56 -0.66 26.47
N SER B 99 -6.95 0.59 26.10
CA SER B 99 -7.43 0.99 24.70
C SER B 99 -8.20 2.39 24.53
N GLY B 100 -8.49 2.90 23.30
CA GLY B 100 -7.94 2.48 21.99
C GLY B 100 -7.21 3.55 21.16
N GLY B 101 -6.38 4.36 21.81
CA GLY B 101 -5.55 5.30 21.08
C GLY B 101 -4.10 4.88 21.10
N LEU B 102 -3.26 5.64 20.43
CA LEU B 102 -1.84 5.38 20.35
C LEU B 102 -1.22 5.82 21.67
N HIS B 103 -0.36 4.97 22.23
CA HIS B 103 0.32 5.27 23.46
C HIS B 103 1.11 6.53 23.33
N GLY B 104 0.97 7.42 24.32
CA GLY B 104 1.70 8.68 24.30
C GLY B 104 0.98 9.83 23.62
N VAL B 105 -0.04 9.53 22.83
CA VAL B 105 -0.74 10.57 22.08
C VAL B 105 -2.00 11.07 22.79
N GLY B 106 -2.06 12.38 23.02
CA GLY B 106 -3.16 13.00 23.79
C GLY B 106 -4.18 13.74 22.93
N VAL B 107 -5.24 14.28 23.54
CA VAL B 107 -6.18 15.11 22.74
C VAL B 107 -5.49 16.38 22.20
N SER B 108 -4.39 16.76 22.84
CA SER B 108 -3.67 17.94 22.48
C SER B 108 -3.24 17.80 21.03
N VAL B 109 -2.91 16.57 20.62
CA VAL B 109 -2.52 16.30 19.23
C VAL B 109 -3.70 16.62 18.30
N VAL B 110 -4.88 16.14 18.69
CA VAL B 110 -6.09 16.39 17.89
C VAL B 110 -6.41 17.87 17.73
N ASN B 111 -6.30 18.61 18.84
CA ASN B 111 -6.46 20.06 18.87
C ASN B 111 -5.40 20.81 18.01
N ALA B 112 -4.13 20.34 18.07
CA ALA B 112 -3.08 20.91 17.26
C ALA B 112 -3.53 20.80 15.81
N LEU B 113 -4.08 19.65 15.46
CA LEU B 113 -4.42 19.37 14.09
C LEU B 113 -5.88 19.74 13.74
N SER B 114 -6.55 20.41 14.67
CA SER B 114 -7.93 20.90 14.45
C SER B 114 -7.98 22.38 14.12
N GLN B 115 -8.76 22.75 13.12
CA GLN B 115 -8.89 24.20 12.79
C GLN B 115 -9.76 24.91 13.83
N LYS B 116 -10.76 24.18 14.32
CA LYS B 116 -11.57 24.62 15.41
C LYS B 116 -11.73 23.42 16.30
N LEU B 117 -11.81 23.71 17.60
CA LEU B 117 -12.22 22.75 18.59
C LEU B 117 -13.13 23.42 19.61
N GLU B 118 -14.18 22.70 19.98
CA GLU B 118 -15.11 23.13 21.01
C GLU B 118 -15.04 22.16 22.18
N LEU B 119 -14.85 22.73 23.37
CA LEU B 119 -14.77 21.93 24.58
C LEU B 119 -15.96 22.36 25.41
N VAL B 120 -16.84 21.41 25.73
CA VAL B 120 -17.92 21.67 26.70
C VAL B 120 -17.79 20.69 27.82
N ILE B 121 -17.43 21.17 29.01
CA ILE B 121 -17.29 20.35 30.24
C ILE B 121 -18.40 20.63 31.24
N GLN B 122 -18.99 19.56 31.79
CA GLN B 122 -20.04 19.67 32.83
C GLN B 122 -19.53 19.10 34.14
N ARG B 123 -19.22 19.99 35.06
CA ARG B 123 -18.63 19.58 36.31
C ARG B 123 -19.04 20.63 37.32
N GLU B 124 -19.28 20.21 38.56
CA GLU B 124 -19.54 21.14 39.67
C GLU B 124 -20.84 21.96 39.56
N GLY B 125 -21.85 21.43 38.88
CA GLY B 125 -23.13 22.15 38.73
C GLY B 125 -23.16 23.18 37.61
N LYS B 126 -22.00 23.45 37.04
CA LYS B 126 -21.85 24.44 35.97
C LYS B 126 -21.50 23.79 34.63
N ILE B 127 -21.87 24.47 33.55
CA ILE B 127 -21.44 24.14 32.20
C ILE B 127 -20.25 25.05 31.85
N HIS B 128 -19.19 24.46 31.31
CA HIS B 128 -17.97 25.21 30.96
C HIS B 128 -17.76 25.09 29.46
N ARG B 129 -17.60 26.22 28.78
CA ARG B 129 -17.34 26.19 27.33
C ARG B 129 -15.97 26.79 26.98
N GLN B 130 -15.32 26.28 25.95
CA GLN B 130 -14.13 26.89 25.39
C GLN B 130 -13.94 26.49 23.91
N ILE B 131 -13.49 27.46 23.10
CA ILE B 131 -13.25 27.33 21.65
C ILE B 131 -11.76 27.48 21.36
N TYR B 132 -11.21 26.58 20.55
CA TYR B 132 -9.82 26.58 20.11
C TYR B 132 -9.75 26.74 18.59
N GLU B 133 -8.69 27.40 18.09
CA GLU B 133 -8.45 27.57 16.64
C GLU B 133 -6.97 27.32 16.31
N HIS B 134 -6.70 26.18 15.70
CA HIS B 134 -5.33 25.65 15.49
C HIS B 134 -4.52 25.49 16.73
N GLY B 135 -5.07 24.77 17.71
CA GLY B 135 -4.45 24.63 19.03
C GLY B 135 -4.54 25.81 20.00
N VAL B 136 -4.84 27.00 19.46
CA VAL B 136 -4.85 28.25 20.23
C VAL B 136 -6.25 28.56 20.79
N PRO B 137 -6.37 28.70 22.12
CA PRO B 137 -7.68 29.02 22.70
C PRO B 137 -8.04 30.44 22.36
N GLN B 138 -9.33 30.72 22.16
CA GLN B 138 -9.76 32.07 21.82
C GLN B 138 -10.06 32.85 23.09
N ALA B 139 -10.33 32.12 24.17
CA ALA B 139 -10.61 32.71 25.47
C ALA B 139 -10.37 31.67 26.54
N PRO B 140 -10.07 32.11 27.80
CA PRO B 140 -9.91 31.11 28.88
C PRO B 140 -11.22 30.33 29.05
N LEU B 141 -11.16 29.18 29.68
CA LEU B 141 -12.36 28.38 29.91
C LEU B 141 -13.36 29.17 30.75
N ALA B 142 -14.64 29.11 30.39
CA ALA B 142 -15.68 29.95 31.00
C ALA B 142 -16.94 29.18 31.41
N VAL B 143 -17.52 29.55 32.54
CA VAL B 143 -18.81 29.00 32.95
C VAL B 143 -19.94 29.67 32.15
N THR B 144 -20.79 28.91 31.49
CA THR B 144 -21.77 29.56 30.62
C THR B 144 -23.23 29.25 30.96
N GLY B 145 -23.46 28.54 32.04
CA GLY B 145 -24.80 28.17 32.42
C GLY B 145 -24.69 27.12 33.49
N GLU B 146 -25.80 26.49 33.82
CA GLU B 146 -25.75 25.44 34.84
C GLU B 146 -26.39 24.11 34.46
N THR B 147 -26.10 23.10 35.25
CA THR B 147 -26.49 21.73 34.95
C THR B 147 -26.50 20.92 36.21
N GLU B 148 -27.19 19.80 36.18
CA GLU B 148 -27.01 18.86 37.25
C GLU B 148 -26.20 17.71 36.74
N LYS B 149 -26.17 17.58 35.42
CA LYS B 149 -25.37 16.54 34.76
C LYS B 149 -23.84 16.77 34.94
N THR B 150 -23.03 15.75 34.62
CA THR B 150 -21.58 15.91 34.51
C THR B 150 -21.09 15.24 33.25
N GLY B 151 -19.87 15.53 32.84
CA GLY B 151 -19.26 14.84 31.71
C GLY B 151 -18.57 15.80 30.78
N THR B 152 -17.98 15.26 29.71
CA THR B 152 -17.06 15.99 28.82
C THR B 152 -17.38 15.79 27.34
N MET B 153 -17.35 16.88 26.59
CA MET B 153 -17.75 16.84 25.19
C MET B 153 -16.71 17.61 24.39
N VAL B 154 -16.09 16.92 23.44
CA VAL B 154 -15.17 17.56 22.53
C VAL B 154 -15.73 17.38 21.13
N ARG B 155 -15.88 18.49 20.41
CA ARG B 155 -16.10 18.48 18.99
C ARG B 155 -14.90 19.15 18.33
N PHE B 156 -14.49 18.62 17.18
CA PHE B 156 -13.29 19.06 16.48
C PHE B 156 -13.51 19.09 14.97
N TRP B 157 -13.13 20.19 14.35
CA TRP B 157 -13.25 20.32 12.91
C TRP B 157 -11.85 20.14 12.43
N PRO B 158 -11.58 18.99 11.79
CA PRO B 158 -10.20 18.73 11.41
C PRO B 158 -9.72 19.79 10.42
N SER B 159 -8.48 20.26 10.60
CA SER B 159 -7.90 21.31 9.78
C SER B 159 -7.59 20.86 8.35
N LEU B 160 -8.10 21.62 7.39
CA LEU B 160 -7.91 21.33 5.98
C LEU B 160 -6.54 21.74 5.46
N GLU B 161 -5.81 22.55 6.21
CA GLU B 161 -4.43 22.75 5.85
C GLU B 161 -3.68 21.43 5.98
N THR B 162 -4.00 20.70 7.04
CA THR B 162 -3.31 19.47 7.41
C THR B 162 -3.87 18.27 6.66
N PHE B 163 -5.16 18.03 6.75
CA PHE B 163 -5.75 16.88 6.06
C PHE B 163 -6.16 17.18 4.62
N THR B 164 -5.69 16.32 3.71
CA THR B 164 -5.95 16.43 2.28
C THR B 164 -6.59 15.15 1.77
N ASN B 165 -7.31 15.27 0.66
CA ASN B 165 -7.84 14.12 -0.09
C ASN B 165 -9.02 13.45 0.56
N VAL B 166 -8.84 13.04 1.81
CA VAL B 166 -9.95 12.53 2.57
C VAL B 166 -10.15 13.49 3.72
N THR B 167 -11.36 14.03 3.79
CA THR B 167 -11.71 15.10 4.74
C THR B 167 -13.13 14.84 5.20
N GLU B 168 -13.67 13.70 4.80
CA GLU B 168 -15.00 13.32 5.22
C GLU B 168 -14.87 12.09 6.05
N PHE B 169 -15.63 11.98 7.13
CA PHE B 169 -15.58 10.77 7.91
C PHE B 169 -16.47 9.72 7.30
N GLU B 170 -15.95 8.50 7.25
CA GLU B 170 -16.70 7.38 6.74
C GLU B 170 -17.30 6.63 7.93
N TYR B 171 -18.64 6.55 7.98
CA TYR B 171 -19.37 5.96 9.12
C TYR B 171 -18.89 4.55 9.47
N GLU B 172 -18.79 3.69 8.46
CA GLU B 172 -18.37 2.29 8.65
C GLU B 172 -16.96 2.11 9.20
N ILE B 173 -16.03 3.00 8.84
CA ILE B 173 -14.71 2.98 9.47
C ILE B 173 -14.85 3.29 10.96
N LEU B 174 -15.66 4.29 11.28
CA LEU B 174 -15.85 4.60 12.70
C LEU B 174 -16.71 3.54 13.41
N ALA B 175 -17.70 2.95 12.73
CA ALA B 175 -18.59 1.99 13.37
C ALA B 175 -17.85 0.73 13.72
N LYS B 176 -16.92 0.35 12.85
CA LYS B 176 -16.20 -0.90 13.02
C LYS B 176 -15.36 -0.80 14.25
N ARG B 177 -14.51 0.22 14.31
CA ARG B 177 -13.58 0.32 15.42
C ARG B 177 -14.29 0.52 16.77
N LEU B 178 -15.31 1.36 16.79
CA LEU B 178 -16.06 1.62 18.00
C LEU B 178 -16.77 0.37 18.51
N ARG B 179 -17.30 -0.46 17.59
CA ARG B 179 -17.68 -1.80 18.00
C ARG B 179 -16.54 -2.61 18.67
N GLU B 180 -15.33 -2.58 18.09
CA GLU B 180 -14.26 -3.45 18.54
C GLU B 180 -13.84 -3.04 19.91
N LEU B 181 -13.72 -1.73 20.10
CA LEU B 181 -13.36 -1.14 21.40
C LEU B 181 -14.40 -1.46 22.46
N SER B 182 -15.63 -1.64 22.00
CA SER B 182 -16.75 -1.95 22.84
C SER B 182 -16.70 -3.42 23.25
N PHE B 183 -16.27 -4.26 22.32
CA PHE B 183 -16.04 -5.67 22.59
C PHE B 183 -14.83 -5.84 23.51
N LEU B 184 -13.81 -5.01 23.33
CA LEU B 184 -12.56 -5.11 24.10
C LEU B 184 -12.72 -4.66 25.54
N ASN B 185 -13.66 -3.74 25.75
CA ASN B 185 -13.93 -3.19 27.06
C ASN B 185 -15.42 -3.37 27.41
N SER B 186 -15.78 -4.55 27.90
CA SER B 186 -17.17 -4.87 28.23
C SER B 186 -17.71 -3.93 29.29
N GLY B 187 -18.95 -3.49 29.10
CA GLY B 187 -19.58 -2.51 29.99
C GLY B 187 -19.67 -1.16 29.31
N VAL B 188 -18.66 -0.84 28.52
CA VAL B 188 -18.57 0.42 27.79
C VAL B 188 -19.64 0.51 26.74
N SER B 189 -20.59 1.43 26.94
CA SER B 189 -21.68 1.65 26.02
C SER B 189 -21.38 2.84 25.10
N ILE B 190 -21.34 2.59 23.78
CA ILE B 190 -20.98 3.61 22.75
C ILE B 190 -22.01 3.70 21.63
N ARG B 191 -22.52 4.89 21.36
CA ARG B 191 -23.48 5.08 20.27
C ARG B 191 -22.88 5.98 19.24
N LEU B 192 -22.93 5.55 17.98
CA LEU B 192 -22.51 6.36 16.85
C LEU B 192 -23.75 6.94 16.22
N ARG B 193 -23.71 8.24 15.95
CA ARG B 193 -24.72 8.94 15.19
C ARG B 193 -24.08 9.70 14.03
N ASP B 194 -24.76 9.72 12.89
CA ASP B 194 -24.28 10.47 11.72
C ASP B 194 -25.38 11.46 11.38
N LYS B 195 -25.17 12.73 11.71
CA LYS B 195 -26.16 13.77 11.45
C LYS B 195 -26.46 13.92 9.98
N ARG B 196 -25.52 13.53 9.09
CA ARG B 196 -25.72 13.65 7.64
C ARG B 196 -26.84 12.81 7.07
N ASP B 197 -26.97 11.56 7.51
CA ASP B 197 -27.89 10.64 6.87
C ASP B 197 -28.69 9.72 7.82
N GLY B 198 -28.65 10.01 9.11
CA GLY B 198 -29.54 9.34 10.06
C GLY B 198 -29.11 7.98 10.61
N LYS B 199 -28.00 7.44 10.11
CA LYS B 199 -27.44 6.21 10.66
C LYS B 199 -27.32 6.40 12.13
N GLU B 200 -27.57 5.34 12.86
CA GLU B 200 -27.41 5.40 14.29
C GLU B 200 -27.03 3.99 14.73
N ASP B 201 -26.02 3.87 15.57
CA ASP B 201 -25.59 2.55 16.03
C ASP B 201 -25.27 2.56 17.54
N HIS B 202 -25.40 1.40 18.19
CA HIS B 202 -25.15 1.27 19.63
C HIS B 202 -24.42 -0.02 19.97
N PHE B 203 -23.24 0.12 20.55
CA PHE B 203 -22.40 -1.01 20.83
C PHE B 203 -22.20 -1.15 22.32
N HIS B 204 -22.52 -2.32 22.85
CA HIS B 204 -22.37 -2.57 24.27
C HIS B 204 -22.33 -4.04 24.42
N TYR B 205 -21.22 -4.56 24.97
CA TYR B 205 -21.07 -5.99 25.23
C TYR B 205 -20.81 -6.25 26.70
N GLY C 2 8.42 15.17 -19.13
CA GLY C 2 7.31 16.08 -19.49
C GLY C 2 6.55 15.50 -20.65
N LEU C 3 5.35 16.03 -20.87
CA LEU C 3 4.44 15.53 -21.93
C LEU C 3 4.93 15.83 -23.36
N ASP C 4 5.82 16.82 -23.48
CA ASP C 4 6.53 17.12 -24.74
C ASP C 4 7.34 15.92 -25.22
N ALA C 5 7.86 15.13 -24.27
CA ALA C 5 8.58 13.91 -24.57
C ALA C 5 7.65 12.95 -25.25
N VAL C 6 6.44 12.79 -24.70
CA VAL C 6 5.54 11.79 -25.26
C VAL C 6 4.95 12.30 -26.55
N ARG C 7 4.72 13.60 -26.59
CA ARG C 7 4.23 14.22 -27.81
C ARG C 7 5.24 14.08 -28.94
N LYS C 8 6.51 14.24 -28.61
CA LYS C 8 7.61 14.02 -29.56
C LYS C 8 7.65 12.56 -30.08
N ARG C 9 7.58 11.59 -29.18
CA ARG C 9 7.62 10.16 -29.56
C ARG C 9 6.39 9.34 -29.10
N PRO C 10 5.21 9.63 -29.66
CA PRO C 10 4.00 9.04 -29.10
C PRO C 10 3.96 7.51 -29.18
N GLY C 11 4.36 6.95 -30.33
CA GLY C 11 4.27 5.53 -30.58
C GLY C 11 5.11 4.72 -29.61
N MET C 12 6.12 5.36 -29.05
CA MET C 12 6.94 4.76 -28.02
C MET C 12 6.11 4.44 -26.81
N TYR C 13 5.20 5.33 -26.44
CA TYR C 13 4.43 5.12 -25.22
C TYR C 13 3.12 4.37 -25.42
N ILE C 14 2.48 4.61 -26.55
CA ILE C 14 1.09 4.20 -26.76
C ILE C 14 0.89 3.21 -27.90
N GLY C 15 1.89 3.04 -28.77
CA GLY C 15 1.79 2.14 -29.93
C GLY C 15 1.61 2.91 -31.21
N ASP C 16 1.69 2.21 -32.36
CA ASP C 16 1.73 2.86 -33.68
C ASP C 16 0.61 3.86 -33.88
N THR C 17 0.99 5.06 -34.28
CA THR C 17 0.08 6.20 -34.42
C THR C 17 -0.52 6.37 -35.84
N ASP C 18 -0.11 5.54 -36.81
CA ASP C 18 -0.69 5.57 -38.16
C ASP C 18 -1.78 4.54 -38.42
N ASP C 19 -1.60 3.34 -37.91
CA ASP C 19 -2.44 2.19 -38.25
C ASP C 19 -3.61 1.87 -37.29
N GLY C 20 -3.83 2.65 -36.25
CA GLY C 20 -5.02 2.48 -35.40
C GLY C 20 -4.75 1.85 -34.06
N THR C 21 -3.53 1.37 -33.86
CA THR C 21 -3.17 0.65 -32.67
C THR C 21 -3.16 1.61 -31.49
N GLY C 22 -2.27 2.59 -31.54
CA GLY C 22 -2.19 3.65 -30.53
C GLY C 22 -3.50 4.39 -30.34
N LEU C 23 -4.25 4.63 -31.40
CA LEU C 23 -5.56 5.29 -31.24
C LEU C 23 -6.42 4.48 -30.31
N HIS C 24 -6.46 3.15 -30.51
CA HIS C 24 -7.34 2.32 -29.69
C HIS C 24 -6.83 2.06 -28.33
N HIS C 25 -5.54 1.70 -28.22
CA HIS C 25 -4.87 1.52 -26.93
C HIS C 25 -5.07 2.70 -25.99
N MET C 26 -5.19 3.89 -26.55
CA MET C 26 -5.48 5.12 -25.80
C MET C 26 -6.67 4.94 -24.86
N VAL C 27 -7.65 4.15 -25.28
CA VAL C 27 -8.85 3.90 -24.48
C VAL C 27 -8.50 3.05 -23.27
N PHE C 28 -7.55 2.14 -23.48
CA PHE C 28 -7.16 1.22 -22.43
C PHE C 28 -6.19 1.81 -21.41
N GLU C 29 -5.56 2.94 -21.75
CA GLU C 29 -4.79 3.76 -20.81
C GLU C 29 -5.60 4.84 -20.08
N VAL C 30 -6.93 4.76 -20.16
CA VAL C 30 -7.85 5.47 -19.26
C VAL C 30 -8.62 4.38 -18.48
N VAL C 31 -9.24 3.46 -19.24
CA VAL C 31 -9.98 2.34 -18.68
C VAL C 31 -9.21 1.56 -17.60
N ASP C 32 -7.91 1.29 -17.84
CA ASP C 32 -7.09 0.58 -16.88
C ASP C 32 -7.22 1.10 -15.42
N ASN C 33 -7.19 2.42 -15.20
CA ASN C 33 -7.30 2.98 -13.84
C ASN C 33 -8.66 2.82 -13.22
N ALA C 34 -9.67 2.68 -14.08
CA ALA C 34 -10.98 2.34 -13.60
C ALA C 34 -11.03 0.85 -13.20
N ILE C 35 -10.32 -0.01 -13.90
CA ILE C 35 -10.37 -1.45 -13.60
C ILE C 35 -9.66 -1.72 -12.30
N ASP C 36 -8.55 -1.01 -12.13
CA ASP C 36 -7.75 -0.97 -10.91
C ASP C 36 -8.64 -0.59 -9.76
N GLU C 37 -9.33 0.54 -9.91
CA GLU C 37 -10.16 1.09 -8.85
C GLU C 37 -11.29 0.13 -8.58
N ALA C 38 -11.72 -0.64 -9.58
CA ALA C 38 -12.70 -1.71 -9.35
C ALA C 38 -12.08 -2.88 -8.58
N LEU C 39 -10.88 -3.31 -8.99
CA LEU C 39 -10.23 -4.46 -8.36
C LEU C 39 -9.97 -4.21 -6.90
N ALA C 40 -9.87 -2.93 -6.52
CA ALA C 40 -9.66 -2.54 -5.11
C ALA C 40 -10.97 -2.40 -4.30
N GLY C 41 -12.10 -2.64 -4.96
CA GLY C 41 -13.39 -2.76 -4.27
C GLY C 41 -14.31 -1.56 -4.19
N HIS C 42 -13.86 -0.41 -4.66
CA HIS C 42 -14.68 0.81 -4.62
C HIS C 42 -15.57 0.93 -5.82
N CYS C 43 -15.04 0.54 -6.96
CA CYS C 43 -15.71 0.75 -8.22
C CYS C 43 -16.53 -0.48 -8.53
N LYS C 44 -17.82 -0.25 -8.76
CA LYS C 44 -18.77 -1.28 -9.11
C LYS C 44 -19.07 -1.36 -10.62
N GLU C 45 -19.06 -0.22 -11.31
CA GLU C 45 -19.50 -0.16 -12.69
C GLU C 45 -18.56 0.75 -13.47
N ILE C 46 -18.17 0.34 -14.67
CA ILE C 46 -17.37 1.19 -15.55
C ILE C 46 -18.15 1.40 -16.83
N ILE C 47 -18.33 2.66 -17.24
CA ILE C 47 -18.93 2.97 -18.56
C ILE C 47 -17.94 3.63 -19.56
N VAL C 48 -17.62 2.91 -20.63
CA VAL C 48 -16.84 3.40 -21.77
C VAL C 48 -17.85 3.87 -22.81
N THR C 49 -17.70 5.07 -23.36
CA THR C 49 -18.62 5.60 -24.39
C THR C 49 -17.85 6.09 -25.62
N ILE C 50 -18.30 5.72 -26.81
CA ILE C 50 -17.77 6.32 -28.02
C ILE C 50 -18.73 7.45 -28.39
N HIS C 51 -18.18 8.65 -28.43
CA HIS C 51 -18.98 9.84 -28.65
C HIS C 51 -19.04 10.20 -30.10
N ALA C 52 -20.04 11.01 -30.46
CA ALA C 52 -20.29 11.35 -31.85
C ALA C 52 -19.07 12.00 -32.51
N ASP C 53 -18.42 12.91 -31.78
CA ASP C 53 -17.30 13.67 -32.31
C ASP C 53 -16.02 12.90 -32.21
N ASN C 54 -16.12 11.58 -32.07
CA ASN C 54 -14.97 10.70 -31.80
C ASN C 54 -14.09 11.06 -30.59
N SER C 55 -14.70 11.55 -29.52
CA SER C 55 -14.04 11.52 -28.24
C SER C 55 -14.42 10.17 -27.60
N VAL C 56 -13.68 9.76 -26.58
CA VAL C 56 -14.05 8.59 -25.76
C VAL C 56 -14.12 8.95 -24.27
N SER C 57 -15.15 8.46 -23.62
CA SER C 57 -15.25 8.70 -22.22
C SER C 57 -15.23 7.39 -21.48
N VAL C 58 -14.63 7.45 -20.30
CA VAL C 58 -14.65 6.39 -19.32
C VAL C 58 -15.17 7.03 -18.03
N GLN C 59 -16.24 6.44 -17.51
CA GLN C 59 -16.82 6.85 -16.23
C GLN C 59 -16.82 5.63 -15.26
N ASP C 60 -16.29 5.83 -14.05
CA ASP C 60 -16.35 4.81 -13.02
C ASP C 60 -17.14 5.30 -11.81
N ASP C 61 -17.71 4.37 -11.03
CA ASP C 61 -18.33 4.74 -9.76
C ASP C 61 -17.44 4.42 -8.55
N GLY C 62 -16.14 4.59 -8.75
CA GLY C 62 -15.14 4.49 -7.68
C GLY C 62 -15.12 5.68 -6.72
N ARG C 63 -13.98 5.87 -6.05
CA ARG C 63 -13.84 6.89 -5.02
C ARG C 63 -13.67 8.29 -5.59
N GLY C 64 -13.22 8.39 -6.84
CA GLY C 64 -12.96 9.69 -7.43
C GLY C 64 -11.49 10.00 -7.24
N ILE C 65 -10.81 10.41 -8.32
CA ILE C 65 -9.40 10.70 -8.23
C ILE C 65 -9.23 11.80 -7.17
N PRO C 66 -8.31 11.61 -6.20
CA PRO C 66 -8.15 12.56 -5.08
C PRO C 66 -8.06 14.01 -5.55
N THR C 67 -8.76 14.94 -4.88
CA THR C 67 -8.78 16.33 -5.36
C THR C 67 -7.90 17.37 -4.63
N GLY C 68 -7.33 16.98 -3.49
CA GLY C 68 -6.54 17.87 -2.60
C GLY C 68 -5.18 18.38 -3.05
N ILE C 69 -4.59 19.25 -2.22
CA ILE C 69 -3.26 19.91 -2.39
C ILE C 69 -3.23 20.94 -3.51
N VAL C 75 -0.86 22.68 -6.80
CA VAL C 75 -1.66 21.86 -7.78
C VAL C 75 -2.39 20.62 -7.18
N SER C 76 -3.63 20.39 -7.63
CA SER C 76 -4.43 19.25 -7.17
C SER C 76 -3.81 17.90 -7.56
N ALA C 77 -4.10 16.84 -6.79
CA ALA C 77 -3.53 15.54 -7.09
C ALA C 77 -4.07 15.10 -8.43
N ALA C 78 -5.38 15.26 -8.64
CA ALA C 78 -5.95 15.00 -9.99
C ALA C 78 -5.00 15.51 -11.08
N GLU C 79 -4.67 16.80 -11.05
CA GLU C 79 -3.84 17.39 -12.09
C GLU C 79 -2.46 16.75 -12.12
N VAL C 80 -1.94 16.37 -10.95
CA VAL C 80 -0.64 15.68 -10.93
C VAL C 80 -0.75 14.36 -11.71
N ILE C 81 -1.70 13.50 -11.36
CA ILE C 81 -2.00 12.32 -12.17
C ILE C 81 -2.05 12.59 -13.69
N MET C 82 -2.60 13.75 -14.07
CA MET C 82 -2.88 14.07 -15.47
C MET C 82 -1.69 14.67 -16.22
N THR C 83 -0.76 15.29 -15.50
CA THR C 83 0.28 16.07 -16.14
C THR C 83 1.73 15.60 -15.85
N VAL C 84 1.85 14.46 -15.17
CA VAL C 84 3.15 13.89 -14.77
C VAL C 84 3.30 12.42 -15.20
N LEU C 85 4.41 12.12 -15.87
CA LEU C 85 4.68 10.78 -16.35
C LEU C 85 4.74 9.69 -15.28
N HIS C 86 5.25 10.01 -14.10
CA HIS C 86 5.44 8.98 -13.08
C HIS C 86 4.41 9.03 -11.97
N ALA C 87 3.41 9.89 -12.10
CA ALA C 87 2.42 10.08 -11.03
C ALA C 87 1.70 8.80 -10.61
N GLY C 88 1.33 7.96 -11.58
CA GLY C 88 0.58 6.73 -11.33
C GLY C 88 1.17 5.86 -10.25
N GLY C 89 2.50 5.93 -10.10
CA GLY C 89 3.25 5.14 -9.12
C GLY C 89 2.88 5.34 -7.66
N LYS C 90 2.64 6.60 -7.29
CA LYS C 90 2.16 6.97 -5.96
C LYS C 90 0.91 6.16 -5.55
N PHE C 91 0.26 5.48 -6.51
CA PHE C 91 -0.86 4.54 -6.27
C PHE C 91 -0.76 3.26 -7.17
N LYS C 97 -1.55 -5.95 -8.92
CA LYS C 97 -0.85 -6.77 -9.92
C LYS C 97 -1.83 -7.62 -10.76
N VAL C 98 -2.34 -7.02 -11.86
CA VAL C 98 -3.58 -7.48 -12.58
C VAL C 98 -3.92 -7.13 -14.09
N SER C 99 -3.99 -5.85 -14.52
CA SER C 99 -4.38 -5.48 -15.95
C SER C 99 -5.13 -4.10 -16.17
N GLY C 100 -5.41 -3.60 -17.40
CA GLY C 100 -4.85 -3.97 -18.75
C GLY C 100 -4.25 -2.80 -19.59
N GLY C 101 -3.43 -1.97 -18.97
CA GLY C 101 -2.61 -1.01 -19.72
C GLY C 101 -1.15 -1.47 -19.75
N LEU C 102 -0.36 -0.85 -20.59
CA LEU C 102 1.07 -1.15 -20.55
C LEU C 102 1.68 -0.76 -19.17
N HIS C 103 2.51 -1.64 -18.58
CA HIS C 103 3.12 -1.32 -17.29
C HIS C 103 3.82 -0.01 -17.39
N GLY C 104 3.54 0.85 -16.42
CA GLY C 104 4.21 2.14 -16.31
C GLY C 104 3.60 3.28 -17.11
N VAL C 105 2.56 3.00 -17.88
CA VAL C 105 1.91 4.05 -18.64
C VAL C 105 0.65 4.61 -17.97
N GLY C 106 0.68 5.89 -17.61
CA GLY C 106 -0.44 6.55 -16.93
C GLY C 106 -1.42 7.19 -17.90
N VAL C 107 -2.50 7.78 -17.38
CA VAL C 107 -3.44 8.58 -18.22
C VAL C 107 -2.79 9.88 -18.67
N SER C 108 -1.76 10.31 -17.95
CA SER C 108 -1.11 11.50 -18.32
C SER C 108 -0.56 11.38 -19.75
N VAL C 109 -0.26 10.16 -20.19
CA VAL C 109 0.18 9.89 -21.58
C VAL C 109 -1.00 10.16 -22.50
N VAL C 110 -2.15 9.63 -22.10
CA VAL C 110 -3.39 9.91 -22.84
C VAL C 110 -3.58 11.41 -22.94
N ASN C 111 -3.55 12.09 -21.80
CA ASN C 111 -3.67 13.55 -21.76
C ASN C 111 -2.73 14.22 -22.77
N ALA C 112 -1.43 13.88 -22.71
CA ALA C 112 -0.40 14.44 -23.57
C ALA C 112 -0.70 14.20 -25.04
N LEU C 113 -1.26 13.05 -25.35
CA LEU C 113 -1.59 12.76 -26.73
C LEU C 113 -3.06 13.12 -27.01
N SER C 114 -3.71 13.85 -26.11
CA SER C 114 -5.10 14.30 -26.38
C SER C 114 -5.14 15.77 -26.69
N GLN C 115 -5.88 16.13 -27.73
CA GLN C 115 -6.00 17.56 -28.06
C GLN C 115 -6.94 18.29 -27.15
N LYS C 116 -7.92 17.56 -26.61
CA LYS C 116 -8.71 18.06 -25.51
C LYS C 116 -8.92 16.89 -24.58
N LEU C 117 -8.81 17.17 -23.28
CA LEU C 117 -9.24 16.21 -22.27
C LEU C 117 -10.15 16.87 -21.24
N GLU C 118 -11.28 16.20 -20.93
CA GLU C 118 -12.15 16.63 -19.84
C GLU C 118 -12.08 15.67 -18.64
N LEU C 119 -11.89 16.24 -17.45
CA LEU C 119 -11.88 15.51 -16.18
C LEU C 119 -13.13 15.92 -15.40
N VAL C 120 -14.00 14.95 -15.07
CA VAL C 120 -15.09 15.22 -14.10
C VAL C 120 -14.91 14.25 -12.95
N ILE C 121 -14.66 14.79 -11.75
CA ILE C 121 -14.48 14.00 -10.53
C ILE C 121 -15.59 14.27 -9.53
N GLN C 122 -16.26 13.22 -9.08
CA GLN C 122 -17.26 13.30 -8.00
C GLN C 122 -16.73 12.68 -6.71
N ARG C 123 -16.47 13.52 -5.72
CA ARG C 123 -15.85 13.05 -4.50
C ARG C 123 -16.14 14.08 -3.46
N GLU C 124 -16.56 13.58 -2.30
CA GLU C 124 -16.72 14.40 -1.10
C GLU C 124 -17.89 15.39 -1.26
N GLY C 125 -18.93 14.95 -1.95
CA GLY C 125 -20.16 15.75 -2.10
C GLY C 125 -20.02 16.93 -3.05
N LYS C 126 -18.88 16.99 -3.73
CA LYS C 126 -18.61 18.05 -4.71
C LYS C 126 -18.31 17.46 -6.11
N ILE C 127 -18.64 18.25 -7.13
CA ILE C 127 -18.33 17.88 -8.50
C ILE C 127 -17.16 18.73 -8.91
N HIS C 128 -16.07 18.11 -9.35
CA HIS C 128 -14.86 18.84 -9.73
C HIS C 128 -14.66 18.73 -11.21
N ARG C 129 -14.36 19.84 -11.89
CA ARG C 129 -14.20 19.83 -13.36
C ARG C 129 -12.90 20.51 -13.79
N GLN C 130 -12.32 19.99 -14.87
CA GLN C 130 -11.10 20.57 -15.45
C GLN C 130 -10.88 20.10 -16.90
N ILE C 131 -10.46 21.03 -17.75
CA ILE C 131 -10.26 20.72 -19.14
C ILE C 131 -8.81 20.97 -19.49
N TYR C 132 -8.24 20.01 -20.21
CA TYR C 132 -6.91 20.10 -20.77
C TYR C 132 -6.94 20.30 -22.29
N GLU C 133 -5.89 20.92 -22.83
CA GLU C 133 -5.67 20.99 -24.26
C GLU C 133 -4.20 20.66 -24.50
N HIS C 134 -3.94 19.49 -25.09
CA HIS C 134 -2.58 18.97 -25.29
C HIS C 134 -1.81 18.80 -24.01
N GLY C 135 -2.47 18.28 -22.99
CA GLY C 135 -1.84 18.09 -21.69
C GLY C 135 -1.79 19.30 -20.76
N VAL C 136 -2.04 20.50 -21.31
CA VAL C 136 -2.04 21.74 -20.53
C VAL C 136 -3.46 22.04 -20.03
N PRO C 137 -3.63 22.16 -18.70
CA PRO C 137 -4.91 22.49 -18.06
C PRO C 137 -5.27 23.93 -18.39
N GLN C 138 -6.56 24.20 -18.55
CA GLN C 138 -7.05 25.54 -18.83
C GLN C 138 -7.21 26.34 -17.57
N ALA C 139 -7.46 25.64 -16.46
CA ALA C 139 -7.73 26.30 -15.18
C ALA C 139 -7.44 25.28 -14.09
N PRO C 140 -7.14 25.76 -12.85
CA PRO C 140 -7.08 24.83 -11.72
C PRO C 140 -8.38 24.04 -11.64
N LEU C 141 -8.29 22.80 -11.18
CA LEU C 141 -9.46 21.96 -10.94
C LEU C 141 -10.44 22.77 -10.09
N ALA C 142 -11.69 22.83 -10.53
CA ALA C 142 -12.70 23.70 -9.92
C ALA C 142 -13.85 22.91 -9.36
N VAL C 143 -14.40 23.35 -8.24
CA VAL C 143 -15.67 22.79 -7.81
C VAL C 143 -16.83 23.50 -8.50
N THR C 144 -17.62 22.73 -9.26
CA THR C 144 -18.74 23.24 -10.02
C THR C 144 -20.14 22.84 -9.56
N GLY C 145 -20.24 21.93 -8.60
CA GLY C 145 -21.55 21.61 -8.02
C GLY C 145 -21.49 20.57 -6.92
N GLU C 146 -22.64 20.00 -6.60
CA GLU C 146 -22.74 19.05 -5.50
C GLU C 146 -23.21 17.74 -6.07
N THR C 147 -22.83 16.65 -5.41
CA THR C 147 -23.23 15.30 -5.83
C THR C 147 -23.39 14.38 -4.63
N GLU C 148 -24.52 13.66 -4.62
CA GLU C 148 -24.75 12.58 -3.69
C GLU C 148 -23.80 11.41 -4.04
N LYS C 149 -23.19 11.46 -5.23
CA LYS C 149 -22.48 10.30 -5.78
C LYS C 149 -20.94 10.46 -5.85
N THR C 150 -20.24 9.36 -6.13
CA THR C 150 -18.77 9.41 -6.29
C THR C 150 -18.30 8.82 -7.63
N GLY C 151 -17.09 9.19 -8.04
CA GLY C 151 -16.46 8.54 -9.17
C GLY C 151 -15.61 9.45 -10.04
N THR C 152 -15.05 8.87 -11.10
CA THR C 152 -14.16 9.61 -11.98
C THR C 152 -14.58 9.45 -13.43
N MET C 153 -14.66 10.55 -14.17
CA MET C 153 -14.94 10.51 -15.61
C MET C 153 -13.89 11.28 -16.43
N VAL C 154 -13.32 10.59 -17.42
CA VAL C 154 -12.36 11.21 -18.31
C VAL C 154 -12.84 11.02 -19.75
N ARG C 155 -12.88 12.13 -20.49
CA ARG C 155 -13.18 12.10 -21.89
C ARG C 155 -11.95 12.66 -22.61
N PHE C 156 -11.42 11.93 -23.57
CA PHE C 156 -10.30 12.45 -24.35
C PHE C 156 -10.65 12.52 -25.81
N TRP C 157 -10.20 13.60 -26.45
CA TRP C 157 -10.30 13.81 -27.87
C TRP C 157 -8.89 13.63 -28.38
N PRO C 158 -8.64 12.54 -29.12
CA PRO C 158 -7.31 12.28 -29.65
C PRO C 158 -6.79 13.43 -30.48
N SER C 159 -5.48 13.62 -30.46
CA SER C 159 -4.83 14.66 -31.25
C SER C 159 -4.77 14.19 -32.68
N LEU C 160 -5.50 14.87 -33.57
CA LEU C 160 -5.28 14.62 -35.00
C LEU C 160 -3.89 15.08 -35.46
N GLU C 161 -3.17 15.82 -34.63
CA GLU C 161 -1.77 16.10 -34.90
C GLU C 161 -0.81 14.93 -34.64
N THR C 162 -1.25 13.98 -33.82
CA THR C 162 -0.50 12.79 -33.44
C THR C 162 -1.01 11.58 -34.20
N PHE C 163 -2.32 11.32 -34.19
CA PHE C 163 -2.87 10.13 -34.87
C PHE C 163 -3.28 10.40 -36.30
N THR C 164 -2.91 9.50 -37.21
CA THR C 164 -2.94 9.83 -38.65
C THR C 164 -3.95 9.14 -39.53
N ASN C 165 -3.96 7.82 -39.61
CA ASN C 165 -4.74 7.22 -40.70
C ASN C 165 -6.11 6.76 -40.27
N VAL C 166 -6.13 6.07 -39.15
CA VAL C 166 -7.33 5.60 -38.52
C VAL C 166 -7.52 6.66 -37.45
N THR C 167 -8.61 7.41 -37.48
CA THR C 167 -8.81 8.39 -36.45
C THR C 167 -10.21 8.28 -35.85
N GLU C 168 -10.84 7.13 -36.08
CA GLU C 168 -12.16 6.84 -35.53
C GLU C 168 -12.07 5.61 -34.65
N PHE C 169 -12.71 5.63 -33.49
CA PHE C 169 -12.74 4.43 -32.67
C PHE C 169 -13.67 3.40 -33.29
N GLU C 170 -13.12 2.20 -33.51
CA GLU C 170 -13.85 1.08 -34.04
C GLU C 170 -14.44 0.34 -32.88
N TYR C 171 -15.78 0.36 -32.79
CA TYR C 171 -16.50 -0.26 -31.67
C TYR C 171 -16.01 -1.66 -31.27
N GLU C 172 -15.95 -2.58 -32.25
CA GLU C 172 -15.63 -3.99 -32.01
C GLU C 172 -14.19 -4.25 -31.53
N ILE C 173 -13.26 -3.35 -31.81
CA ILE C 173 -11.95 -3.49 -31.22
C ILE C 173 -12.13 -3.28 -29.71
N LEU C 174 -12.87 -2.23 -29.35
CA LEU C 174 -13.12 -1.97 -27.96
C LEU C 174 -14.00 -3.07 -27.31
N ALA C 175 -15.05 -3.55 -27.96
CA ALA C 175 -15.89 -4.56 -27.27
C ALA C 175 -15.07 -5.81 -26.95
N LYS C 176 -14.33 -6.27 -27.95
CA LYS C 176 -13.46 -7.41 -27.75
C LYS C 176 -12.52 -7.25 -26.55
N ARG C 177 -11.77 -6.15 -26.48
CA ARG C 177 -10.83 -6.03 -25.36
C ARG C 177 -11.56 -5.84 -24.03
N LEU C 178 -12.68 -5.12 -24.06
CA LEU C 178 -13.44 -4.86 -22.84
C LEU C 178 -14.05 -6.14 -22.34
N ARG C 179 -14.53 -7.00 -23.23
CA ARG C 179 -14.97 -8.32 -22.81
C ARG C 179 -13.84 -9.09 -22.11
N GLU C 180 -12.66 -9.18 -22.74
CA GLU C 180 -11.54 -9.96 -22.22
C GLU C 180 -11.13 -9.47 -20.87
N LEU C 181 -11.12 -8.15 -20.71
CA LEU C 181 -10.69 -7.54 -19.47
C LEU C 181 -11.69 -7.73 -18.32
N SER C 182 -12.95 -7.94 -18.66
CA SER C 182 -13.93 -8.32 -17.63
C SER C 182 -13.90 -9.85 -17.35
N PHE C 183 -13.54 -10.63 -18.36
CA PHE C 183 -13.33 -12.06 -18.16
C PHE C 183 -12.11 -12.29 -17.27
N LEU C 184 -11.08 -11.44 -17.45
CA LEU C 184 -9.87 -11.51 -16.64
C LEU C 184 -10.11 -11.12 -15.17
N ASN C 185 -10.93 -10.08 -14.97
CA ASN C 185 -11.23 -9.61 -13.64
C ASN C 185 -12.72 -9.76 -13.34
N SER C 186 -13.12 -10.88 -12.76
CA SER C 186 -14.56 -11.16 -12.64
C SER C 186 -15.14 -10.31 -11.53
N GLY C 187 -16.41 -9.94 -11.67
CA GLY C 187 -17.03 -8.96 -10.76
C GLY C 187 -17.02 -7.57 -11.37
N VAL C 188 -15.92 -7.27 -12.07
CA VAL C 188 -15.76 -5.99 -12.74
C VAL C 188 -16.80 -5.86 -13.82
N SER C 189 -17.64 -4.84 -13.70
CA SER C 189 -18.73 -4.66 -14.64
C SER C 189 -18.47 -3.49 -15.59
N ILE C 190 -18.60 -3.74 -16.90
CA ILE C 190 -18.25 -2.76 -17.96
C ILE C 190 -19.24 -2.65 -19.13
N ARG C 191 -19.90 -1.50 -19.26
CA ARG C 191 -20.69 -1.26 -20.47
C ARG C 191 -19.95 -0.37 -21.44
N LEU C 192 -20.14 -0.66 -22.72
CA LEU C 192 -19.58 0.09 -23.84
C LEU C 192 -20.77 0.70 -24.50
N ARG C 193 -20.70 1.98 -24.85
CA ARG C 193 -21.75 2.62 -25.64
C ARG C 193 -21.19 3.29 -26.87
N ASP C 194 -21.96 3.26 -27.95
CA ASP C 194 -21.63 4.05 -29.13
C ASP C 194 -22.69 5.10 -29.44
N LYS C 195 -22.37 6.37 -29.25
CA LYS C 195 -23.31 7.44 -29.53
C LYS C 195 -23.56 7.58 -31.05
N ARG C 196 -22.73 6.94 -31.86
CA ARG C 196 -22.84 7.12 -33.31
C ARG C 196 -24.03 6.32 -33.82
N ASP C 197 -24.13 5.06 -33.42
CA ASP C 197 -25.14 4.14 -33.96
C ASP C 197 -25.95 3.34 -32.94
N GLY C 198 -25.85 3.70 -31.66
CA GLY C 198 -26.69 3.08 -30.61
C GLY C 198 -26.32 1.69 -30.11
N LYS C 199 -25.18 1.16 -30.56
CA LYS C 199 -24.68 -0.12 -30.03
C LYS C 199 -24.46 -0.04 -28.54
N GLU C 200 -24.60 -1.16 -27.85
CA GLU C 200 -24.52 -1.16 -26.39
C GLU C 200 -24.21 -2.54 -25.88
N ASP C 201 -23.10 -2.72 -25.19
CA ASP C 201 -22.82 -4.03 -24.64
C ASP C 201 -22.46 -3.95 -23.18
N HIS C 202 -22.69 -5.05 -22.48
CA HIS C 202 -22.44 -5.16 -21.04
C HIS C 202 -21.53 -6.34 -20.79
N PHE C 203 -20.35 -6.08 -20.26
CA PHE C 203 -19.44 -7.17 -19.97
C PHE C 203 -19.27 -7.42 -18.46
N HIS C 204 -19.78 -8.55 -18.00
CA HIS C 204 -19.64 -8.90 -16.59
C HIS C 204 -19.61 -10.38 -16.41
N TYR C 205 -18.55 -10.90 -15.78
CA TYR C 205 -18.44 -12.33 -15.39
C TYR C 205 -18.14 -12.46 -13.89
N GLY D 2 -4.78 -20.40 -13.68
CA GLY D 2 -3.49 -21.17 -13.83
C GLY D 2 -2.93 -21.01 -15.24
N LEU D 3 -1.94 -21.85 -15.57
CA LEU D 3 -1.32 -21.75 -16.89
C LEU D 3 -2.19 -22.36 -17.98
N ASP D 4 -3.16 -23.19 -17.58
CA ASP D 4 -4.19 -23.65 -18.52
C ASP D 4 -5.15 -22.54 -18.99
N ALA D 5 -5.35 -21.52 -18.16
CA ALA D 5 -6.18 -20.40 -18.53
C ALA D 5 -5.50 -19.57 -19.65
N VAL D 6 -4.19 -19.35 -19.56
CA VAL D 6 -3.46 -18.65 -20.66
C VAL D 6 -3.37 -19.51 -21.94
N ARG D 7 -3.28 -20.82 -21.78
CA ARG D 7 -3.36 -21.72 -22.94
C ARG D 7 -4.71 -21.69 -23.70
N LYS D 8 -5.81 -21.72 -22.98
CA LYS D 8 -7.13 -21.75 -23.60
C LYS D 8 -7.41 -20.45 -24.34
N ARG D 9 -7.10 -19.31 -23.71
CA ARG D 9 -7.36 -17.98 -24.33
C ARG D 9 -6.07 -17.14 -24.47
N PRO D 10 -5.09 -17.65 -25.24
CA PRO D 10 -3.73 -17.12 -25.25
C PRO D 10 -3.64 -15.65 -25.61
N GLY D 11 -4.45 -15.25 -26.60
CA GLY D 11 -4.44 -13.90 -27.16
C GLY D 11 -4.81 -12.78 -26.20
N MET D 12 -5.76 -13.10 -25.32
CA MET D 12 -6.19 -12.19 -24.29
C MET D 12 -5.08 -11.77 -23.33
N TYR D 13 -3.96 -12.48 -23.39
CA TYR D 13 -2.78 -12.29 -22.51
C TYR D 13 -1.59 -11.73 -23.25
N ILE D 14 -1.46 -12.09 -24.52
CA ILE D 14 -0.21 -11.87 -25.20
C ILE D 14 -0.35 -11.01 -26.44
N GLY D 15 -1.60 -10.71 -26.84
CA GLY D 15 -1.90 -10.10 -28.15
C GLY D 15 -2.31 -11.14 -29.19
N ASP D 16 -2.69 -10.69 -30.40
CA ASP D 16 -3.03 -11.61 -31.53
C ASP D 16 -1.95 -12.68 -31.82
N THR D 17 -2.36 -13.96 -31.76
CA THR D 17 -1.45 -15.07 -31.94
C THR D 17 -1.39 -15.56 -33.39
N ASP D 18 -1.97 -14.74 -34.27
CA ASP D 18 -2.21 -15.10 -35.67
C ASP D 18 -1.56 -14.12 -36.65
N ASP D 19 -1.38 -12.86 -36.25
CA ASP D 19 -0.71 -11.85 -37.11
C ASP D 19 0.71 -11.48 -36.66
N GLY D 20 1.25 -12.20 -35.68
CA GLY D 20 2.59 -11.95 -35.18
C GLY D 20 2.72 -10.95 -34.03
N THR D 21 1.63 -10.28 -33.66
CA THR D 21 1.62 -9.35 -32.53
C THR D 21 2.00 -10.06 -31.23
N GLY D 22 1.30 -11.16 -30.94
CA GLY D 22 1.52 -11.94 -29.75
C GLY D 22 2.90 -12.55 -29.77
N LEU D 23 3.31 -13.16 -30.87
CA LEU D 23 4.61 -13.88 -30.91
C LEU D 23 5.78 -12.91 -30.60
N HIS D 24 5.64 -11.68 -31.07
CA HIS D 24 6.63 -10.65 -30.81
C HIS D 24 6.49 -10.08 -29.43
N HIS D 25 5.27 -10.04 -28.92
CA HIS D 25 5.12 -9.59 -27.56
C HIS D 25 5.83 -10.51 -26.59
N MET D 26 5.73 -11.82 -26.79
CA MET D 26 6.39 -12.79 -25.91
C MET D 26 7.81 -12.35 -25.45
N VAL D 27 8.63 -11.82 -26.37
CA VAL D 27 9.99 -11.33 -26.07
C VAL D 27 9.93 -10.26 -24.98
N PHE D 28 9.01 -9.33 -25.16
CA PHE D 28 8.84 -8.21 -24.24
C PHE D 28 8.32 -8.58 -22.84
N GLU D 29 7.55 -9.67 -22.75
CA GLU D 29 7.21 -10.23 -21.43
C GLU D 29 8.31 -11.12 -20.80
N VAL D 30 9.44 -11.23 -21.46
CA VAL D 30 10.65 -11.73 -20.84
C VAL D 30 11.59 -10.54 -20.51
N VAL D 31 11.86 -9.71 -21.50
CA VAL D 31 12.76 -8.54 -21.36
C VAL D 31 12.30 -7.56 -20.26
N ASP D 32 10.97 -7.35 -20.15
CA ASP D 32 10.44 -6.40 -19.15
C ASP D 32 11.09 -6.55 -17.77
N ASN D 33 11.19 -7.79 -17.30
CA ASN D 33 11.69 -8.12 -16.00
C ASN D 33 13.16 -7.87 -15.96
N ALA D 34 13.81 -7.96 -17.12
CA ALA D 34 15.23 -7.70 -17.15
C ALA D 34 15.44 -6.21 -16.98
N ILE D 35 14.60 -5.42 -17.64
CA ILE D 35 14.67 -3.96 -17.60
C ILE D 35 14.51 -3.55 -16.16
N ASP D 36 13.51 -4.14 -15.49
CA ASP D 36 13.23 -3.88 -14.08
C ASP D 36 14.42 -4.21 -13.19
N GLU D 37 15.07 -5.32 -13.49
CA GLU D 37 16.29 -5.68 -12.77
C GLU D 37 17.38 -4.62 -13.01
N ALA D 38 17.47 -4.16 -14.25
CA ALA D 38 18.33 -3.02 -14.62
C ALA D 38 17.90 -1.78 -13.80
N LEU D 39 16.60 -1.55 -13.70
CA LEU D 39 16.05 -0.44 -12.94
C LEU D 39 16.37 -0.49 -11.46
N ALA D 40 16.31 -1.67 -10.85
CA ALA D 40 16.57 -1.80 -9.43
C ALA D 40 18.06 -1.67 -9.10
N GLY D 41 18.82 -1.23 -10.11
CA GLY D 41 20.23 -0.94 -9.97
C GLY D 41 21.12 -2.12 -10.24
N HIS D 42 20.52 -3.30 -10.39
CA HIS D 42 21.27 -4.55 -10.44
C HIS D 42 21.71 -5.01 -11.77
N CYS D 43 20.97 -4.69 -12.82
CA CYS D 43 21.40 -5.16 -14.13
C CYS D 43 21.98 -4.05 -15.02
N LYS D 44 23.17 -4.33 -15.56
CA LYS D 44 23.88 -3.44 -16.50
C LYS D 44 23.57 -3.72 -17.97
N GLU D 45 23.67 -5.00 -18.37
CA GLU D 45 23.47 -5.38 -19.77
C GLU D 45 22.37 -6.43 -19.95
N ILE D 46 21.64 -6.33 -21.06
CA ILE D 46 20.66 -7.34 -21.50
C ILE D 46 20.99 -7.76 -22.94
N ILE D 47 21.11 -9.06 -23.17
CA ILE D 47 21.40 -9.58 -24.52
C ILE D 47 20.23 -10.42 -25.04
N VAL D 48 19.57 -9.92 -26.08
CA VAL D 48 18.42 -10.58 -26.70
C VAL D 48 18.95 -11.25 -27.98
N THR D 49 18.79 -12.57 -28.07
CA THR D 49 19.28 -13.33 -29.20
C THR D 49 18.13 -14.06 -29.90
N ILE D 50 18.03 -13.87 -31.22
CA ILE D 50 17.17 -14.68 -32.10
C ILE D 50 18.01 -15.86 -32.61
N HIS D 51 17.52 -17.08 -32.37
CA HIS D 51 18.33 -18.24 -32.68
C HIS D 51 17.86 -18.85 -33.94
N ALA D 52 18.74 -19.61 -34.61
CA ALA D 52 18.42 -20.29 -35.87
C ALA D 52 17.15 -21.16 -35.79
N ASP D 53 16.93 -21.86 -34.67
CA ASP D 53 15.72 -22.70 -34.45
C ASP D 53 14.46 -21.89 -34.10
N ASN D 54 14.56 -20.58 -34.30
CA ASN D 54 13.55 -19.58 -33.91
C ASN D 54 13.03 -19.49 -32.47
N SER D 55 13.86 -19.88 -31.51
CA SER D 55 13.69 -19.41 -30.14
C SER D 55 14.35 -18.03 -30.00
N VAL D 56 13.91 -17.28 -28.98
CA VAL D 56 14.58 -16.08 -28.46
C VAL D 56 15.09 -16.27 -27.01
N SER D 57 16.32 -15.82 -26.75
CA SER D 57 16.87 -15.86 -25.42
C SER D 57 17.14 -14.43 -24.97
N VAL D 58 17.02 -14.20 -23.67
CA VAL D 58 17.23 -12.90 -23.03
C VAL D 58 18.12 -13.18 -21.84
N GLN D 59 19.24 -12.47 -21.79
CA GLN D 59 20.27 -12.70 -20.80
C GLN D 59 20.49 -11.40 -20.04
N ASP D 60 20.24 -11.38 -18.73
CA ASP D 60 20.58 -10.17 -17.98
C ASP D 60 21.80 -10.47 -17.15
N ASP D 61 22.43 -9.43 -16.62
CA ASP D 61 23.54 -9.63 -15.67
C ASP D 61 23.13 -9.17 -14.29
N GLY D 62 21.87 -9.39 -13.93
CA GLY D 62 21.38 -9.01 -12.60
C GLY D 62 21.73 -9.96 -11.46
N ARG D 63 20.80 -10.07 -10.52
CA ARG D 63 21.02 -10.82 -9.28
C ARG D 63 20.82 -12.32 -9.48
N GLY D 64 20.06 -12.67 -10.51
CA GLY D 64 19.64 -14.05 -10.69
C GLY D 64 18.38 -14.25 -9.89
N ILE D 65 17.34 -14.72 -10.57
CA ILE D 65 16.08 -15.06 -9.93
C ILE D 65 16.33 -15.93 -8.71
N PRO D 66 15.67 -15.64 -7.60
CA PRO D 66 15.90 -16.42 -6.38
C PRO D 66 15.76 -17.94 -6.59
N THR D 67 16.61 -18.70 -5.91
CA THR D 67 16.80 -20.12 -6.16
C THR D 67 16.23 -21.04 -5.13
N GLY D 68 15.90 -20.52 -3.95
CA GLY D 68 15.57 -21.38 -2.81
C GLY D 68 14.10 -21.73 -2.64
N ILE D 69 13.83 -22.43 -1.53
CA ILE D 69 12.49 -22.77 -0.98
C ILE D 69 12.06 -24.08 -1.61
N VAL D 75 9.16 -26.40 -3.80
CA VAL D 75 9.40 -25.90 -5.18
C VAL D 75 10.06 -24.50 -5.20
N SER D 76 11.15 -24.34 -5.95
CA SER D 76 11.93 -23.09 -5.94
C SER D 76 11.09 -21.85 -6.27
N ALA D 77 11.55 -20.69 -5.78
CA ALA D 77 10.98 -19.37 -6.11
C ALA D 77 10.95 -19.12 -7.61
N ALA D 78 12.04 -19.52 -8.29
CA ALA D 78 12.15 -19.46 -9.77
C ALA D 78 11.00 -20.19 -10.43
N GLU D 79 10.84 -21.44 -10.06
CA GLU D 79 9.74 -22.23 -10.56
C GLU D 79 8.38 -21.60 -10.22
N VAL D 80 8.27 -20.93 -9.08
CA VAL D 80 6.98 -20.35 -8.73
C VAL D 80 6.68 -19.27 -9.78
N ILE D 81 7.64 -18.35 -9.93
CA ILE D 81 7.61 -17.24 -10.94
C ILE D 81 7.22 -17.71 -12.36
N MET D 82 7.85 -18.79 -12.79
CA MET D 82 7.60 -19.45 -14.07
C MET D 82 6.30 -20.24 -14.22
N THR D 83 5.61 -20.54 -13.11
CA THR D 83 4.45 -21.44 -13.16
C THR D 83 3.20 -20.91 -12.46
N VAL D 84 3.29 -19.74 -11.86
CA VAL D 84 2.12 -19.14 -11.30
C VAL D 84 1.93 -17.76 -11.88
N LEU D 85 0.75 -17.56 -12.43
CA LEU D 85 0.32 -16.32 -13.08
C LEU D 85 0.62 -15.03 -12.28
N HIS D 86 0.41 -15.07 -10.97
CA HIS D 86 0.42 -13.85 -10.19
C HIS D 86 1.68 -13.73 -9.38
N ALA D 87 2.61 -14.66 -9.60
CA ALA D 87 3.82 -14.83 -8.82
C ALA D 87 4.76 -13.63 -8.90
N GLY D 88 4.91 -13.10 -10.11
CA GLY D 88 5.76 -11.94 -10.38
C GLY D 88 5.51 -10.70 -9.55
N GLY D 89 4.30 -10.58 -8.99
CA GLY D 89 3.98 -9.42 -8.17
C GLY D 89 4.68 -9.39 -6.83
N LYS D 90 5.30 -10.52 -6.47
CA LYS D 90 5.96 -10.63 -5.20
C LYS D 90 7.41 -10.22 -5.27
N PHE D 91 7.99 -10.21 -6.47
CA PHE D 91 9.46 -9.99 -6.59
C PHE D 91 9.84 -8.69 -7.32
N LYS D 97 7.54 1.76 -11.50
CA LYS D 97 6.66 2.48 -12.44
C LYS D 97 7.44 2.88 -13.72
N VAL D 98 7.57 1.96 -14.69
CA VAL D 98 8.49 2.13 -15.82
C VAL D 98 8.21 1.41 -17.20
N SER D 99 8.49 0.10 -17.39
CA SER D 99 8.58 -0.56 -18.76
C SER D 99 8.89 -2.10 -18.81
N GLY D 100 8.95 -2.76 -19.99
CA GLY D 100 8.15 -2.48 -21.19
C GLY D 100 7.13 -3.56 -21.63
N GLY D 101 6.45 -4.21 -20.67
CA GLY D 101 5.34 -5.15 -20.97
C GLY D 101 3.96 -4.75 -20.42
N LEU D 102 3.01 -5.68 -20.47
CA LEU D 102 1.63 -5.50 -20.01
C LEU D 102 1.57 -5.62 -18.47
N HIS D 103 1.00 -4.61 -17.84
CA HIS D 103 0.86 -4.59 -16.40
C HIS D 103 0.16 -5.85 -16.03
N GLY D 104 0.80 -6.62 -15.13
CA GLY D 104 0.27 -7.89 -14.63
C GLY D 104 0.51 -9.15 -15.46
N VAL D 105 1.19 -9.03 -16.57
CA VAL D 105 1.57 -10.25 -17.26
C VAL D 105 3.04 -10.53 -16.97
N GLY D 106 3.34 -11.73 -16.43
CA GLY D 106 4.70 -12.15 -16.10
C GLY D 106 5.19 -13.23 -17.04
N VAL D 107 6.45 -13.65 -16.87
CA VAL D 107 7.04 -14.72 -17.70
C VAL D 107 6.27 -16.01 -17.64
N SER D 108 5.43 -16.21 -16.60
CA SER D 108 4.65 -17.46 -16.56
C SER D 108 3.77 -17.57 -17.79
N VAL D 109 3.15 -16.45 -18.18
CA VAL D 109 2.43 -16.41 -19.46
C VAL D 109 3.30 -16.90 -20.62
N VAL D 110 4.52 -16.37 -20.73
CA VAL D 110 5.41 -16.75 -21.82
C VAL D 110 5.69 -18.26 -21.74
N ASN D 111 5.92 -18.74 -20.52
CA ASN D 111 6.20 -20.12 -20.32
C ASN D 111 5.05 -21.03 -20.72
N ALA D 112 3.82 -20.61 -20.36
CA ALA D 112 2.58 -21.36 -20.66
C ALA D 112 2.39 -21.56 -22.14
N LEU D 113 2.88 -20.58 -22.90
CA LEU D 113 2.68 -20.48 -24.34
C LEU D 113 3.95 -20.84 -25.13
N SER D 114 4.90 -21.46 -24.42
CA SER D 114 6.16 -21.96 -25.00
C SER D 114 6.18 -23.48 -25.01
N GLN D 115 6.58 -24.09 -26.13
CA GLN D 115 6.62 -25.54 -26.18
C GLN D 115 7.88 -26.05 -25.47
N LYS D 116 8.90 -25.20 -25.41
CA LYS D 116 10.03 -25.40 -24.53
C LYS D 116 10.43 -24.04 -23.99
N LEU D 117 10.91 -24.04 -22.74
CA LEU D 117 11.56 -22.89 -22.15
C LEU D 117 12.70 -23.37 -21.27
N GLU D 118 13.84 -22.70 -21.41
CA GLU D 118 15.02 -22.98 -20.65
C GLU D 118 15.30 -21.82 -19.73
N LEU D 119 15.67 -22.12 -18.50
CA LEU D 119 15.95 -21.11 -17.53
C LEU D 119 17.31 -21.46 -16.91
N VAL D 120 18.25 -20.53 -17.00
CA VAL D 120 19.56 -20.72 -16.44
C VAL D 120 19.84 -19.50 -15.55
N ILE D 121 19.92 -19.71 -14.24
CA ILE D 121 20.27 -18.65 -13.28
C ILE D 121 21.72 -18.77 -12.77
N GLN D 122 22.48 -17.69 -12.92
CA GLN D 122 23.78 -17.60 -12.28
C GLN D 122 23.68 -16.75 -11.01
N ARG D 123 24.01 -17.35 -9.87
CA ARG D 123 23.73 -16.72 -8.60
C ARG D 123 24.52 -17.47 -7.53
N GLU D 124 25.19 -16.69 -6.68
CA GLU D 124 25.98 -17.16 -5.52
C GLU D 124 26.92 -18.33 -5.75
N GLY D 125 27.71 -18.21 -6.83
CA GLY D 125 28.75 -19.16 -7.17
C GLY D 125 28.27 -20.40 -7.90
N LYS D 126 27.00 -20.45 -8.26
CA LYS D 126 26.41 -21.66 -8.80
C LYS D 126 25.57 -21.39 -10.04
N ILE D 127 25.69 -22.28 -11.04
CA ILE D 127 24.81 -22.22 -12.21
C ILE D 127 23.64 -23.14 -12.00
N HIS D 128 22.43 -22.70 -12.37
CA HIS D 128 21.21 -23.52 -12.25
C HIS D 128 20.53 -23.60 -13.58
N ARG D 129 20.07 -24.79 -13.94
CA ARG D 129 19.22 -24.97 -15.09
C ARG D 129 17.89 -25.64 -14.74
N GLN D 130 16.89 -25.35 -15.56
CA GLN D 130 15.60 -26.01 -15.53
C GLN D 130 14.97 -25.83 -16.89
N ILE D 131 14.27 -26.85 -17.37
CA ILE D 131 13.60 -26.77 -18.69
C ILE D 131 12.12 -27.03 -18.49
N TYR D 132 11.27 -26.34 -19.25
CA TYR D 132 9.80 -26.55 -19.22
C TYR D 132 9.27 -26.99 -20.59
N GLU D 133 8.15 -27.72 -20.58
CA GLU D 133 7.37 -27.96 -21.81
C GLU D 133 6.01 -27.45 -21.49
N HIS D 134 5.49 -26.56 -22.32
CA HIS D 134 4.16 -25.98 -22.13
C HIS D 134 3.90 -25.55 -20.70
N GLY D 135 4.93 -25.04 -20.05
CA GLY D 135 4.80 -24.55 -18.70
C GLY D 135 5.12 -25.57 -17.63
N VAL D 136 5.18 -26.84 -18.01
CA VAL D 136 5.43 -27.91 -17.05
C VAL D 136 6.92 -28.15 -16.92
N PRO D 137 7.46 -28.09 -15.69
CA PRO D 137 8.88 -28.38 -15.47
C PRO D 137 9.23 -29.87 -15.72
N GLN D 138 10.32 -30.10 -16.45
CA GLN D 138 10.85 -31.45 -16.66
C GLN D 138 11.56 -32.00 -15.41
N ALA D 139 11.92 -31.11 -14.50
CA ALA D 139 12.62 -31.45 -13.27
C ALA D 139 12.81 -30.21 -12.39
N PRO D 140 13.11 -30.40 -11.09
CA PRO D 140 13.33 -29.20 -10.27
C PRO D 140 14.54 -28.45 -10.78
N LEU D 141 14.59 -27.14 -10.56
CA LEU D 141 15.76 -26.36 -10.88
C LEU D 141 16.94 -27.05 -10.20
N ALA D 142 18.00 -27.32 -10.93
CA ALA D 142 19.15 -28.06 -10.40
C ALA D 142 20.42 -27.26 -10.57
N VAL D 143 21.43 -27.56 -9.77
CA VAL D 143 22.75 -26.97 -9.93
C VAL D 143 23.60 -27.81 -10.93
N THR D 144 24.42 -27.12 -11.72
CA THR D 144 25.01 -27.68 -12.95
C THR D 144 26.40 -27.11 -13.21
N GLY D 145 27.02 -26.61 -12.15
CA GLY D 145 28.36 -26.08 -12.24
C GLY D 145 28.57 -24.85 -11.38
N GLU D 146 29.78 -24.31 -11.44
CA GLU D 146 30.10 -23.09 -10.73
C GLU D 146 30.31 -22.01 -11.75
N THR D 147 30.16 -20.78 -11.31
CA THR D 147 30.26 -19.60 -12.13
C THR D 147 30.77 -18.54 -11.15
N GLU D 148 31.36 -17.46 -11.64
CA GLU D 148 31.46 -16.35 -10.73
C GLU D 148 30.71 -15.10 -11.19
N LYS D 149 29.87 -15.25 -12.20
CA LYS D 149 28.97 -14.18 -12.61
C LYS D 149 27.62 -14.39 -11.93
N THR D 150 26.73 -13.42 -12.10
CA THR D 150 25.37 -13.50 -11.66
C THR D 150 24.52 -13.05 -12.80
N GLY D 151 23.30 -13.55 -12.86
CA GLY D 151 22.32 -13.15 -13.86
C GLY D 151 21.34 -14.26 -14.15
N THR D 152 20.59 -14.06 -15.22
CA THR D 152 19.41 -14.85 -15.50
C THR D 152 19.20 -14.91 -17.00
N MET D 153 19.01 -16.13 -17.50
CA MET D 153 18.79 -16.33 -18.92
C MET D 153 17.50 -17.07 -19.14
N VAL D 154 16.66 -16.51 -19.99
CA VAL D 154 15.48 -17.22 -20.42
C VAL D 154 15.56 -17.43 -21.93
N ARG D 155 15.59 -18.67 -22.37
CA ARG D 155 15.36 -18.97 -23.77
C ARG D 155 14.03 -19.73 -23.92
N PHE D 156 13.13 -19.21 -24.75
CA PHE D 156 11.85 -19.88 -24.98
C PHE D 156 11.61 -20.14 -26.47
N TRP D 157 10.98 -21.28 -26.77
CA TRP D 157 10.56 -21.57 -28.15
C TRP D 157 9.06 -21.48 -28.17
N PRO D 158 8.51 -20.45 -28.86
CA PRO D 158 7.08 -20.20 -28.86
C PRO D 158 6.34 -21.42 -29.38
N SER D 159 5.22 -21.76 -28.75
CA SER D 159 4.48 -22.95 -29.16
C SER D 159 3.79 -22.75 -30.50
N LEU D 160 3.90 -23.76 -31.37
CA LEU D 160 3.20 -23.72 -32.65
C LEU D 160 1.75 -24.18 -32.55
N GLU D 161 1.35 -24.71 -31.41
CA GLU D 161 -0.04 -24.91 -31.11
C GLU D 161 -0.75 -23.57 -30.86
N THR D 162 -0.01 -22.57 -30.37
CA THR D 162 -0.60 -21.26 -30.05
C THR D 162 -0.43 -20.25 -31.18
N PHE D 163 0.77 -20.13 -31.72
CA PHE D 163 1.02 -19.14 -32.75
C PHE D 163 0.95 -19.76 -34.14
N THR D 164 0.15 -19.17 -35.03
CA THR D 164 -0.16 -19.85 -36.29
C THR D 164 0.46 -19.30 -37.55
N ASN D 165 0.24 -18.04 -37.84
CA ASN D 165 0.56 -17.56 -39.17
C ASN D 165 2.04 -17.16 -39.22
N VAL D 166 2.32 -15.99 -38.68
CA VAL D 166 3.65 -15.46 -38.42
C VAL D 166 4.23 -16.20 -37.23
N THR D 167 5.15 -17.13 -37.50
CA THR D 167 5.73 -17.98 -36.46
C THR D 167 7.24 -17.74 -36.33
N GLU D 168 7.71 -16.69 -36.99
CA GLU D 168 9.14 -16.34 -37.02
C GLU D 168 9.41 -14.90 -36.63
N PHE D 169 10.38 -14.73 -35.75
CA PHE D 169 10.83 -13.43 -35.34
C PHE D 169 11.49 -12.63 -36.44
N GLU D 170 11.06 -11.38 -36.47
CA GLU D 170 11.49 -10.41 -37.44
C GLU D 170 12.44 -9.44 -36.74
N TYR D 171 13.70 -9.43 -37.16
CA TYR D 171 14.71 -8.61 -36.49
C TYR D 171 14.19 -7.20 -36.23
N GLU D 172 13.55 -6.62 -37.24
CA GLU D 172 13.24 -5.19 -37.27
C GLU D 172 12.17 -4.80 -36.29
N ILE D 173 11.25 -5.70 -36.03
CA ILE D 173 10.26 -5.43 -34.99
C ILE D 173 10.98 -5.38 -33.62
N LEU D 174 11.84 -6.38 -33.37
CA LEU D 174 12.55 -6.46 -32.12
C LEU D 174 13.56 -5.33 -31.93
N ALA D 175 14.37 -5.00 -32.95
CA ALA D 175 15.29 -3.84 -32.87
C ALA D 175 14.58 -2.52 -32.51
N LYS D 176 13.45 -2.27 -33.18
CA LYS D 176 12.75 -1.00 -33.02
C LYS D 176 12.18 -0.88 -31.61
N ARG D 177 11.62 -1.96 -31.08
CA ARG D 177 11.05 -1.91 -29.74
C ARG D 177 12.10 -1.88 -28.63
N LEU D 178 13.10 -2.75 -28.70
CA LEU D 178 14.24 -2.74 -27.79
C LEU D 178 15.03 -1.41 -27.81
N ARG D 179 15.15 -0.77 -28.96
CA ARG D 179 15.73 0.60 -29.01
C ARG D 179 14.86 1.60 -28.23
N GLU D 180 13.54 1.49 -28.37
CA GLU D 180 12.62 2.43 -27.71
C GLU D 180 12.74 2.30 -26.21
N LEU D 181 12.79 1.05 -25.75
CA LEU D 181 12.88 0.72 -24.34
C LEU D 181 14.18 1.22 -23.71
N SER D 182 15.30 1.10 -24.43
CA SER D 182 16.59 1.54 -23.92
C SER D 182 16.65 3.05 -23.87
N PHE D 183 15.83 3.66 -24.73
CA PHE D 183 15.60 5.08 -24.68
C PHE D 183 14.63 5.55 -23.60
N LEU D 184 13.65 4.73 -23.22
CA LEU D 184 12.73 5.12 -22.13
C LEU D 184 13.43 5.06 -20.77
N ASN D 185 14.41 4.18 -20.68
CA ASN D 185 15.11 3.85 -19.46
C ASN D 185 16.59 4.07 -19.70
N SER D 186 16.96 5.32 -19.91
CA SER D 186 18.26 5.65 -20.46
C SER D 186 19.32 5.20 -19.48
N GLY D 187 20.34 4.52 -19.99
CA GLY D 187 21.29 3.85 -19.11
C GLY D 187 21.20 2.34 -19.12
N VAL D 188 20.05 1.80 -19.51
CA VAL D 188 19.94 0.37 -19.69
C VAL D 188 20.60 0.06 -21.01
N SER D 189 21.59 -0.82 -21.00
CA SER D 189 22.25 -1.26 -22.23
C SER D 189 21.72 -2.59 -22.78
N ILE D 190 21.01 -2.49 -23.90
CA ILE D 190 20.40 -3.63 -24.58
C ILE D 190 21.10 -3.98 -25.91
N ARG D 191 21.43 -5.26 -26.11
CA ARG D 191 21.94 -5.77 -27.39
C ARG D 191 20.98 -6.78 -28.02
N LEU D 192 20.76 -6.60 -29.32
CA LEU D 192 20.10 -7.60 -30.13
C LEU D 192 21.13 -8.28 -31.02
N ARG D 193 21.23 -9.61 -30.91
CA ARG D 193 22.03 -10.44 -31.80
C ARG D 193 21.05 -11.29 -32.59
N ASP D 194 21.37 -11.57 -33.84
CA ASP D 194 20.58 -12.48 -34.66
C ASP D 194 21.51 -13.53 -35.25
N LYS D 195 21.34 -14.78 -34.83
CA LYS D 195 22.26 -15.84 -35.24
C LYS D 195 22.03 -16.39 -36.63
N ARG D 196 20.94 -15.95 -37.26
CA ARG D 196 20.62 -16.40 -38.62
C ARG D 196 21.53 -15.73 -39.66
N ASP D 197 21.94 -14.49 -39.39
CA ASP D 197 22.84 -13.76 -40.27
C ASP D 197 24.02 -13.08 -39.54
N GLY D 198 24.00 -13.12 -38.23
CA GLY D 198 24.97 -12.41 -37.43
C GLY D 198 24.72 -10.91 -37.29
N LYS D 199 23.53 -10.43 -37.66
CA LYS D 199 23.22 -9.01 -37.42
C LYS D 199 23.34 -8.70 -35.93
N GLU D 200 23.96 -7.60 -35.56
CA GLU D 200 23.84 -7.08 -34.20
C GLU D 200 23.52 -5.59 -34.14
N ASP D 201 22.84 -5.18 -33.07
CA ASP D 201 22.85 -3.78 -32.66
C ASP D 201 23.11 -3.66 -31.17
N HIS D 202 23.39 -2.42 -30.74
CA HIS D 202 23.56 -2.09 -29.32
C HIS D 202 22.79 -0.82 -29.04
N PHE D 203 21.99 -0.83 -27.98
CA PHE D 203 21.16 0.32 -27.67
C PHE D 203 21.46 0.74 -26.23
N HIS D 204 21.97 1.94 -26.05
CA HIS D 204 22.42 2.40 -24.76
C HIS D 204 22.42 3.90 -24.77
N TYR D 205 21.52 4.51 -24.01
CA TYR D 205 21.50 5.97 -23.87
C TYR D 205 22.00 6.44 -22.50
O9 1A1 E . 11.02 -6.15 24.57
C8 1A1 E . 12.12 -5.63 24.58
C10 1A1 E . 12.97 -5.41 23.33
C12 1A1 E . 13.05 -6.60 22.38
C11 1A1 E . 12.15 -5.41 22.05
N7 1A1 E . 12.71 -5.19 25.68
C6 1A1 E . 12.20 -5.14 26.94
N1 1A1 E . 13.09 -5.01 27.97
N5 1A1 E . 10.87 -5.22 27.15
C4 1A1 E . 10.31 -5.17 28.40
N22 1A1 E . 8.97 -5.26 28.48
C26 1A1 E . 8.25 -4.71 29.45
C25 1A1 E . 6.95 -5.03 29.10
N24 1A1 E . 6.97 -5.73 27.94
C23 1A1 E . 8.25 -5.87 27.54
C3 1A1 E . 11.24 -5.01 29.54
N13 1A1 E . 11.10 -4.93 30.89
C14 1A1 E . 12.27 -4.80 31.59
S15 1A1 E . 13.67 -4.79 30.57
C2 1A1 E . 12.67 -4.93 29.22
C16 1A1 E . 12.51 -4.72 33.05
C21 1A1 E . 13.77 -4.92 33.57
N20 1A1 E . 13.96 -4.87 34.90
C19 1A1 E . 12.94 -4.64 35.75
C18 1A1 E . 11.66 -4.45 35.26
C17 1A1 E . 11.42 -4.50 33.90
MG MG F . 2.17 -0.87 22.89
O9 1A1 G . -12.42 13.97 26.92
C8 1A1 G . -13.20 13.07 27.19
C10 1A1 G . -14.25 12.73 26.16
C12 1A1 G . -14.50 13.87 25.17
C11 1A1 G . -13.59 12.70 24.79
N7 1A1 G . -13.19 12.35 28.33
C6 1A1 G . -12.38 12.62 29.42
N1 1A1 G . -12.91 12.69 30.69
N5 1A1 G . -11.02 12.79 29.22
C4 1A1 G . -10.13 13.08 30.20
N22 1A1 G . -8.82 13.24 29.97
C26 1A1 G . -7.88 12.96 30.86
C25 1A1 G . -6.70 13.20 30.18
N24 1A1 G . -6.99 13.59 28.92
C23 1A1 G . -8.34 13.63 28.78
C3 1A1 G . -10.63 13.15 31.57
N13 1A1 G . -10.02 13.40 32.74
C14 1A1 G . -10.83 13.40 33.81
S15 1A1 G . -12.48 13.10 33.37
C2 1A1 G . -12.09 12.95 31.76
C16 1A1 G . -10.44 13.63 35.23
C21 1A1 G . -11.37 13.81 36.25
N20 1A1 G . -10.92 14.00 37.51
C19 1A1 G . -9.61 14.02 37.83
C18 1A1 G . -8.65 13.84 36.84
C17 1A1 G . -9.08 13.65 35.53
MG MG H . -4.99 9.37 23.30
O9 1A1 I . -9.52 7.30 -14.09
C8 1A1 I . -10.47 6.65 -13.69
C10 1A1 I . -11.64 6.48 -14.62
C12 1A1 I . -11.71 7.56 -15.71
C11 1A1 I . -11.14 6.19 -16.03
N7 1A1 I . -10.50 6.06 -12.46
C6 1A1 I . -9.62 6.29 -11.43
N1 1A1 I . -10.08 6.34 -10.16
N5 1A1 I . -8.29 6.45 -11.65
C4 1A1 I . -7.36 6.69 -10.69
N22 1A1 I . -6.06 6.86 -10.95
C26 1A1 I . -5.12 6.65 -10.05
C25 1A1 I . -3.96 6.91 -10.77
N24 1A1 I . -4.26 7.24 -12.04
C23 1A1 I . -5.60 7.22 -12.16
C3 1A1 I . -7.81 6.75 -9.31
N13 1A1 I . -7.16 6.95 -8.13
C14 1A1 I . -7.97 6.95 -7.04
S15 1A1 I . -9.64 6.68 -7.47
C2 1A1 I . -9.26 6.56 -9.10
C16 1A1 I . -7.59 7.12 -5.61
C21 1A1 I . -8.54 7.45 -4.63
N20 1A1 I . -8.15 7.59 -3.36
C19 1A1 I . -6.84 7.41 -3.00
C18 1A1 I . -5.86 7.09 -3.94
C17 1A1 I . -6.24 6.94 -5.27
MG MG J . -1.58 2.11 -17.49
O9 1A1 K . 13.74 -12.76 -15.88
C8 1A1 K . 14.72 -12.05 -15.97
C10 1A1 K . 15.32 -11.72 -17.31
C12 1A1 K . 15.82 -12.98 -18.01
C11 1A1 K . 14.56 -12.29 -18.50
N7 1A1 K . 15.35 -11.51 -14.92
C6 1A1 K . 14.88 -11.42 -13.66
N1 1A1 K . 15.80 -11.29 -12.67
N5 1A1 K . 13.54 -11.42 -13.41
C4 1A1 K . 13.01 -11.33 -12.18
N22 1A1 K . 11.68 -11.35 -12.03
C26 1A1 K . 11.03 -10.71 -11.05
C25 1A1 K . 9.69 -11.02 -11.32
N24 1A1 K . 9.62 -11.83 -12.42
C23 1A1 K . 10.89 -12.04 -12.86
C3 1A1 K . 13.96 -11.19 -11.06
N13 1A1 K . 13.81 -11.08 -9.71
C14 1A1 K . 14.98 -11.00 -9.02
S15 1A1 K . 16.41 -11.05 -10.05
C2 1A1 K . 15.41 -11.17 -11.39
C16 1A1 K . 15.12 -10.92 -7.55
C21 1A1 K . 16.34 -11.15 -6.90
N20 1A1 K . 16.39 -11.11 -5.56
C19 1A1 K . 15.28 -10.87 -4.83
C18 1A1 K . 14.02 -10.67 -5.43
C17 1A1 K . 13.96 -10.72 -6.80
MG MG L . 5.46 -8.33 -18.04
#